data_1PS6
#
_entry.id   1PS6
#
_cell.length_a   75.722
_cell.length_b   79.141
_cell.length_c   114.069
_cell.angle_alpha   90.00
_cell.angle_beta   90.00
_cell.angle_gamma   90.00
#
_symmetry.space_group_name_H-M   'P 21 21 21'
#
loop_
_entity.id
_entity.type
_entity.pdbx_description
1 polymer '4-hydroxythreonine-4-phosphate dehydrogenase'
2 non-polymer 'ZINC ION'
3 non-polymer 4-HYDROXY-L-THREONINE-5-MONOPHOSPHATE
4 water water
#
_entity_poly.entity_id   1
_entity_poly.type   'polypeptide(L)'
_entity_poly.pdbx_seq_one_letter_code
;VKTQRVVITPGEPAGIGPDLVVQLAQREWPVELVVCADATLLTNRAAMLGLPLTLRPYSPNSPAQPQTAGTLTLLPVALR
APVTAGQLAVENGHYVVETLARACDGCLNGEFAALITGPVHKGVINDAGIPFTGHTEFFEERSQAKKVVMMLATEELRVA
LATTHLPLRDIADAITPALLHEVIAILHHDLRTKFGIAEPRILVCGLNPHAGEGGHMGTEEIDTIIPVLNELRAQGMKLN
GPLPADTLFQPKYLDNADAVLAMYHDQGLPVLKYQGFGRGVNITLGLPFIRTSVDHGTALELAGRGKADVGSFITALNLA
IKMIVNTQ
;
_entity_poly.pdbx_strand_id   A,B
#
loop_
_chem_comp.id
_chem_comp.type
_chem_comp.name
_chem_comp.formula
4TP non-polymer 4-HYDROXY-L-THREONINE-5-MONOPHOSPHATE 'C4 H10 N O7 P'
ZN non-polymer 'ZINC ION' 'Zn 2'
#
# COMPACT_ATOMS: atom_id res chain seq x y z
N VAL A 1 32.62 20.53 21.91
CA VAL A 1 31.45 19.60 21.98
C VAL A 1 31.67 18.56 23.09
N LYS A 2 30.60 17.86 23.45
CA LYS A 2 30.63 16.82 24.49
C LYS A 2 30.06 15.53 23.93
N THR A 3 30.54 14.39 24.42
CA THR A 3 30.00 13.13 23.96
C THR A 3 28.54 13.09 24.45
N GLN A 4 27.63 12.71 23.57
CA GLN A 4 26.22 12.65 23.88
C GLN A 4 25.78 11.28 24.37
N ARG A 5 24.73 11.28 25.20
CA ARG A 5 24.19 10.03 25.71
C ARG A 5 22.81 9.86 25.10
N VAL A 6 22.46 8.61 24.76
CA VAL A 6 21.14 8.30 24.24
C VAL A 6 20.65 7.22 25.19
N VAL A 7 19.34 7.18 25.44
CA VAL A 7 18.82 6.15 26.32
C VAL A 7 18.07 5.13 25.47
N ILE A 8 18.28 3.85 25.77
CA ILE A 8 17.64 2.78 25.03
C ILE A 8 16.78 1.89 25.93
N THR A 9 15.52 1.70 25.55
CA THR A 9 14.64 0.84 26.33
C THR A 9 14.45 -0.44 25.52
N PRO A 10 15.08 -1.54 25.98
CA PRO A 10 14.98 -2.83 25.30
C PRO A 10 13.54 -3.27 25.08
N GLY A 11 12.66 -2.96 26.04
CA GLY A 11 11.26 -3.34 25.93
C GLY A 11 10.88 -4.59 26.70
N GLU A 12 9.90 -5.32 26.17
CA GLU A 12 9.43 -6.56 26.80
C GLU A 12 10.62 -7.46 27.11
N PRO A 13 10.82 -7.80 28.39
CA PRO A 13 11.94 -8.67 28.82
C PRO A 13 12.00 -10.02 28.10
N ALA A 14 10.84 -10.66 28.00
CA ALA A 14 10.74 -11.97 27.36
C ALA A 14 10.78 -11.88 25.85
N GLY A 15 10.86 -10.65 25.35
CA GLY A 15 10.89 -10.42 23.91
C GLY A 15 12.27 -10.30 23.28
N ILE A 16 12.27 -10.01 21.99
CA ILE A 16 13.48 -9.90 21.20
C ILE A 16 14.29 -8.63 21.51
N GLY A 17 13.67 -7.67 22.18
CA GLY A 17 14.34 -6.43 22.52
C GLY A 17 15.69 -6.60 23.20
N PRO A 18 15.76 -7.36 24.30
CA PRO A 18 17.08 -7.50 24.93
C PRO A 18 18.08 -8.17 23.99
N ASP A 19 17.61 -9.13 23.20
CA ASP A 19 18.47 -9.83 22.25
C ASP A 19 19.10 -8.82 21.32
N LEU A 20 18.26 -7.94 20.78
CA LEU A 20 18.69 -6.91 19.85
C LEU A 20 19.65 -5.90 20.47
N VAL A 21 19.41 -5.50 21.70
CA VAL A 21 20.30 -4.53 22.33
C VAL A 21 21.67 -5.16 22.60
N VAL A 22 21.68 -6.44 22.93
CA VAL A 22 22.94 -7.14 23.17
C VAL A 22 23.72 -7.16 21.85
N GLN A 23 23.00 -7.31 20.75
CA GLN A 23 23.64 -7.33 19.43
C GLN A 23 24.12 -5.92 19.05
N LEU A 24 23.32 -4.89 19.31
CA LEU A 24 23.74 -3.51 19.01
C LEU A 24 25.12 -3.31 19.63
N ALA A 25 25.24 -3.73 20.88
CA ALA A 25 26.47 -3.58 21.66
C ALA A 25 27.74 -4.19 21.08
N GLN A 26 27.61 -5.06 20.09
CA GLN A 26 28.80 -5.68 19.52
C GLN A 26 29.58 -4.78 18.56
N ARG A 27 29.24 -3.51 18.51
CA ARG A 27 29.97 -2.59 17.67
C ARG A 27 30.17 -1.25 18.37
N GLU A 28 31.00 -0.38 17.81
CA GLU A 28 31.27 0.92 18.42
C GLU A 28 30.21 1.93 18.06
N TRP A 29 30.01 2.89 18.96
CA TRP A 29 29.05 3.97 18.72
C TRP A 29 29.69 5.28 19.13
N PRO A 30 29.34 6.37 18.44
CA PRO A 30 29.89 7.69 18.74
C PRO A 30 29.19 8.35 19.92
N VAL A 31 28.24 7.63 20.51
CA VAL A 31 27.54 8.13 21.68
C VAL A 31 27.58 7.05 22.73
N GLU A 32 27.27 7.43 23.96
CA GLU A 32 27.23 6.49 25.07
C GLU A 32 25.81 5.90 25.05
N LEU A 33 25.72 4.59 25.01
CA LEU A 33 24.43 3.93 25.00
C LEU A 33 23.91 3.63 26.40
N VAL A 34 23.04 4.49 26.92
CA VAL A 34 22.48 4.23 28.23
C VAL A 34 21.26 3.33 28.08
N VAL A 35 21.41 2.07 28.48
CA VAL A 35 20.31 1.11 28.39
C VAL A 35 19.56 1.10 29.71
N CYS A 36 18.25 1.35 29.64
CA CYS A 36 17.40 1.36 30.83
C CYS A 36 16.67 0.04 30.96
N ALA A 37 17.28 -0.87 31.70
CA ALA A 37 16.74 -2.21 31.92
C ALA A 37 17.38 -2.88 33.12
N ASP A 38 17.06 -4.15 33.32
CA ASP A 38 17.62 -4.92 34.43
C ASP A 38 18.97 -5.48 33.98
N ALA A 39 20.00 -5.32 34.79
CA ALA A 39 21.32 -5.82 34.44
C ALA A 39 21.34 -7.32 34.15
N THR A 40 20.74 -8.09 35.05
CA THR A 40 20.71 -9.54 34.92
C THR A 40 19.99 -9.99 33.66
N LEU A 41 18.98 -9.23 33.25
CA LEU A 41 18.25 -9.57 32.05
C LEU A 41 19.22 -9.56 30.87
N LEU A 42 19.98 -8.48 30.75
CA LEU A 42 20.93 -8.34 29.67
C LEU A 42 22.06 -9.37 29.76
N THR A 43 22.64 -9.54 30.94
CA THR A 43 23.72 -10.51 31.15
C THR A 43 23.32 -11.92 30.74
N ASN A 44 22.10 -12.31 31.13
CA ASN A 44 21.60 -13.64 30.82
C ASN A 44 21.30 -13.84 29.34
N ARG A 45 20.64 -12.85 28.72
CA ARG A 45 20.31 -12.98 27.31
C ARG A 45 21.58 -12.97 26.48
N ALA A 46 22.57 -12.22 26.94
CA ALA A 46 23.82 -12.16 26.22
C ALA A 46 24.39 -13.57 26.19
N ALA A 47 24.49 -14.20 27.36
CA ALA A 47 25.01 -15.56 27.48
C ALA A 47 24.28 -16.51 26.53
N MET A 48 22.95 -16.48 26.56
CA MET A 48 22.13 -17.32 25.70
C MET A 48 22.46 -17.14 24.22
N LEU A 49 22.91 -15.95 23.85
CA LEU A 49 23.24 -15.68 22.47
C LEU A 49 24.71 -15.91 22.21
N GLY A 50 25.42 -16.38 23.23
CA GLY A 50 26.84 -16.62 23.09
C GLY A 50 27.55 -15.35 22.72
N LEU A 51 27.01 -14.22 23.17
CA LEU A 51 27.60 -12.92 22.88
C LEU A 51 28.22 -12.30 24.13
N PRO A 52 29.38 -11.63 23.97
CA PRO A 52 30.04 -11.02 25.12
C PRO A 52 29.38 -9.71 25.51
N LEU A 53 29.45 -9.40 26.79
CA LEU A 53 28.86 -8.19 27.32
C LEU A 53 29.39 -7.85 28.70
N THR A 54 29.84 -6.61 28.83
CA THR A 54 30.35 -6.07 30.08
C THR A 54 29.58 -4.75 30.21
N LEU A 55 28.95 -4.54 31.36
CA LEU A 55 28.16 -3.34 31.60
C LEU A 55 28.83 -2.33 32.50
N ARG A 56 28.80 -1.07 32.09
CA ARG A 56 29.36 0.01 32.91
C ARG A 56 28.15 0.77 33.38
N PRO A 57 28.20 1.29 34.62
CA PRO A 57 27.11 2.06 35.23
C PRO A 57 26.89 3.43 34.65
N TYR A 58 25.63 3.83 34.60
CA TYR A 58 25.29 5.16 34.11
C TYR A 58 25.79 6.09 35.20
N SER A 59 26.70 7.00 34.85
CA SER A 59 27.24 7.93 35.85
C SER A 59 27.02 9.36 35.39
N PRO A 60 25.91 9.98 35.81
CA PRO A 60 25.56 11.36 35.45
C PRO A 60 26.58 12.41 35.81
N ASN A 61 27.37 12.17 36.85
CA ASN A 61 28.37 13.14 37.28
C ASN A 61 29.79 12.88 36.78
N SER A 62 29.88 12.25 35.62
CA SER A 62 31.15 11.98 34.99
C SER A 62 30.85 12.21 33.53
N PRO A 63 31.87 12.51 32.73
CA PRO A 63 31.60 12.74 31.30
C PRO A 63 31.16 11.45 30.63
N ALA A 64 30.43 11.60 29.53
CA ALA A 64 29.97 10.45 28.77
C ALA A 64 31.12 9.99 27.89
N GLN A 65 31.14 8.71 27.57
CA GLN A 65 32.18 8.14 26.71
C GLN A 65 31.52 7.34 25.60
N PRO A 66 32.05 7.43 24.37
CA PRO A 66 31.46 6.68 23.26
C PRO A 66 31.38 5.22 23.69
N GLN A 67 30.36 4.50 23.27
CA GLN A 67 30.20 3.09 23.67
C GLN A 67 31.09 2.14 22.87
N THR A 68 32.04 1.51 23.56
CA THR A 68 32.95 0.58 22.88
C THR A 68 32.27 -0.77 22.64
N ALA A 69 32.78 -1.49 21.64
CA ALA A 69 32.23 -2.79 21.28
C ALA A 69 32.27 -3.77 22.43
N GLY A 70 31.16 -4.49 22.63
CA GLY A 70 31.08 -5.47 23.70
C GLY A 70 30.61 -4.88 25.02
N THR A 71 30.23 -3.61 25.01
CA THR A 71 29.76 -2.94 26.21
C THR A 71 28.48 -2.14 26.02
N LEU A 72 27.86 -1.77 27.14
CA LEU A 72 26.65 -0.97 27.17
C LEU A 72 26.65 -0.23 28.50
N THR A 73 26.10 0.97 28.55
CA THR A 73 26.04 1.68 29.83
C THR A 73 24.65 1.36 30.40
N LEU A 74 24.57 1.10 31.70
CA LEU A 74 23.30 0.71 32.34
C LEU A 74 22.67 1.62 33.37
N LEU A 75 21.39 1.91 33.14
CA LEU A 75 20.57 2.71 34.04
C LEU A 75 19.64 1.64 34.60
N PRO A 76 20.04 1.05 35.72
CA PRO A 76 19.28 -0.02 36.38
C PRO A 76 17.85 0.19 36.81
N VAL A 77 17.02 -0.78 36.43
CA VAL A 77 15.61 -0.83 36.78
C VAL A 77 15.40 -2.32 37.05
N ALA A 78 14.93 -2.64 38.25
CA ALA A 78 14.73 -4.02 38.65
C ALA A 78 13.49 -4.69 38.07
N LEU A 79 13.63 -5.97 37.76
CA LEU A 79 12.54 -6.76 37.23
C LEU A 79 11.64 -7.12 38.40
N ARG A 80 10.36 -7.37 38.11
CA ARG A 80 9.41 -7.73 39.13
C ARG A 80 9.49 -9.24 39.39
N ALA A 81 9.73 -10.01 38.32
CA ALA A 81 9.84 -11.45 38.45
C ALA A 81 10.88 -12.03 37.47
N PRO A 82 11.37 -13.26 37.73
CA PRO A 82 12.36 -13.91 36.86
C PRO A 82 11.88 -14.01 35.42
N VAL A 83 12.80 -13.91 34.46
CA VAL A 83 12.44 -13.94 33.05
C VAL A 83 12.83 -15.19 32.26
N THR A 84 11.92 -15.65 31.41
CA THR A 84 12.14 -16.80 30.55
C THR A 84 11.81 -16.40 29.12
N ALA A 85 12.85 -16.12 28.34
CA ALA A 85 12.69 -15.72 26.95
C ALA A 85 11.51 -16.40 26.24
N GLY A 86 10.61 -15.59 25.70
CA GLY A 86 9.46 -16.14 24.99
C GLY A 86 8.20 -16.35 25.80
N GLN A 87 8.30 -16.22 27.11
CA GLN A 87 7.15 -16.39 27.98
C GLN A 87 6.86 -15.10 28.73
N LEU A 88 5.63 -14.63 28.66
CA LEU A 88 5.25 -13.39 29.34
C LEU A 88 4.98 -13.61 30.82
N ALA A 89 5.18 -12.56 31.60
CA ALA A 89 4.93 -12.58 33.03
C ALA A 89 4.29 -11.24 33.35
N VAL A 90 2.98 -11.28 33.61
CA VAL A 90 2.21 -10.07 33.91
C VAL A 90 2.89 -9.07 34.82
N GLU A 91 3.46 -9.54 35.93
CA GLU A 91 4.10 -8.62 36.85
C GLU A 91 5.21 -7.79 36.22
N ASN A 92 5.92 -8.37 35.26
CA ASN A 92 7.00 -7.62 34.62
C ASN A 92 6.47 -6.49 33.75
N GLY A 93 5.16 -6.32 33.73
CA GLY A 93 4.58 -5.25 32.95
C GLY A 93 4.89 -3.91 33.59
N HIS A 94 4.98 -3.91 34.93
CA HIS A 94 5.29 -2.69 35.67
C HIS A 94 6.73 -2.33 35.38
N TYR A 95 7.54 -3.36 35.18
CA TYR A 95 8.96 -3.20 34.88
C TYR A 95 9.10 -2.43 33.57
N VAL A 96 8.42 -2.91 32.54
CA VAL A 96 8.47 -2.27 31.24
C VAL A 96 8.08 -0.80 31.33
N VAL A 97 6.87 -0.53 31.84
CA VAL A 97 6.41 0.84 31.96
C VAL A 97 7.40 1.71 32.72
N GLU A 98 8.02 1.15 33.76
CA GLU A 98 8.99 1.86 34.57
C GLU A 98 10.18 2.33 33.73
N THR A 99 10.75 1.42 32.92
CA THR A 99 11.87 1.78 32.06
C THR A 99 11.46 2.90 31.09
N LEU A 100 10.24 2.80 30.56
CA LEU A 100 9.74 3.83 29.64
C LEU A 100 9.67 5.19 30.32
N ALA A 101 9.08 5.21 31.51
CA ALA A 101 8.95 6.45 32.28
C ALA A 101 10.29 7.07 32.59
N ARG A 102 11.22 6.26 33.08
CA ARG A 102 12.56 6.74 33.44
C ARG A 102 13.31 7.26 32.24
N ALA A 103 13.24 6.52 31.13
CA ALA A 103 13.92 6.94 29.93
C ALA A 103 13.29 8.24 29.44
N CYS A 104 11.97 8.31 29.50
CA CYS A 104 11.27 9.51 29.06
C CYS A 104 11.65 10.72 29.92
N ASP A 105 11.67 10.55 31.25
CA ASP A 105 12.03 11.65 32.15
C ASP A 105 13.50 12.05 31.95
N GLY A 106 14.32 11.09 31.55
CA GLY A 106 15.72 11.39 31.31
C GLY A 106 15.88 12.31 30.10
N CYS A 107 15.00 12.15 29.10
CA CYS A 107 15.07 13.01 27.92
C CYS A 107 14.48 14.38 28.26
N LEU A 108 13.46 14.39 29.13
CA LEU A 108 12.83 15.63 29.52
C LEU A 108 13.78 16.47 30.38
N ASN A 109 14.55 15.82 31.24
CA ASN A 109 15.50 16.50 32.13
C ASN A 109 16.85 16.81 31.48
N GLY A 110 16.99 16.51 30.20
CA GLY A 110 18.24 16.80 29.53
C GLY A 110 19.38 15.81 29.76
N GLU A 111 19.11 14.72 30.45
CA GLU A 111 20.12 13.70 30.72
C GLU A 111 20.51 12.99 29.44
N PHE A 112 19.52 12.81 28.57
CA PHE A 112 19.72 12.10 27.31
C PHE A 112 19.31 12.93 26.09
N ALA A 113 20.06 12.78 25.00
CA ALA A 113 19.82 13.53 23.76
C ALA A 113 18.74 12.89 22.89
N ALA A 114 18.56 11.59 23.02
CA ALA A 114 17.54 10.88 22.25
C ALA A 114 17.09 9.63 22.99
N LEU A 115 15.96 9.08 22.56
CA LEU A 115 15.42 7.86 23.16
C LEU A 115 15.09 6.87 22.05
N ILE A 116 15.67 5.68 22.13
CA ILE A 116 15.41 4.63 21.13
C ILE A 116 14.74 3.48 21.87
N THR A 117 13.59 3.07 21.36
CA THR A 117 12.80 2.01 21.99
C THR A 117 12.78 0.65 21.31
N GLY A 118 12.85 -0.39 22.12
CA GLY A 118 12.78 -1.75 21.62
C GLY A 118 11.30 -2.07 21.64
N PRO A 119 10.90 -3.24 21.15
CA PRO A 119 9.47 -3.57 21.15
C PRO A 119 8.89 -3.96 22.51
N VAL A 120 7.62 -3.61 22.73
CA VAL A 120 6.92 -3.95 23.95
C VAL A 120 5.63 -4.70 23.59
N HIS A 121 5.13 -5.47 24.52
CA HIS A 121 3.90 -6.23 24.31
C HIS A 121 2.80 -5.49 25.07
N LYS A 122 1.93 -4.83 24.31
CA LYS A 122 0.83 -4.08 24.89
C LYS A 122 -0.09 -4.93 25.76
N GLY A 123 -0.38 -6.15 25.31
CA GLY A 123 -1.24 -7.03 26.07
C GLY A 123 -0.87 -7.23 27.54
N VAL A 124 0.33 -7.75 27.79
CA VAL A 124 0.78 -8.01 29.15
C VAL A 124 0.81 -6.78 30.07
N ILE A 125 1.10 -5.61 29.51
CA ILE A 125 1.12 -4.39 30.32
C ILE A 125 -0.28 -4.09 30.81
N ASN A 126 -1.25 -4.24 29.91
CA ASN A 126 -2.65 -4.00 30.26
C ASN A 126 -3.04 -5.00 31.34
N ASP A 127 -2.72 -6.26 31.10
CA ASP A 127 -3.02 -7.33 32.04
C ASP A 127 -2.51 -6.99 33.45
N ALA A 128 -1.42 -6.22 33.52
CA ALA A 128 -0.84 -5.85 34.80
C ALA A 128 -1.63 -4.74 35.50
N GLY A 129 -2.59 -4.16 34.76
CA GLY A 129 -3.41 -3.10 35.31
C GLY A 129 -2.89 -1.72 34.94
N ILE A 130 -2.35 -1.61 33.74
CA ILE A 130 -1.81 -0.35 33.28
C ILE A 130 -2.37 0.02 31.89
N PRO A 131 -3.21 1.05 31.82
CA PRO A 131 -3.75 1.41 30.51
C PRO A 131 -2.59 1.78 29.60
N PHE A 132 -2.43 1.04 28.53
CA PHE A 132 -1.33 1.26 27.60
C PHE A 132 -1.76 0.91 26.20
N THR A 133 -1.62 1.86 25.28
CA THR A 133 -2.00 1.63 23.88
C THR A 133 -0.78 1.70 22.97
N GLY A 134 0.38 1.99 23.53
CA GLY A 134 1.59 2.07 22.74
C GLY A 134 2.54 3.16 23.21
N HIS A 135 3.77 3.13 22.70
CA HIS A 135 4.75 4.13 23.08
C HIS A 135 4.26 5.54 22.77
N THR A 136 3.90 5.75 21.52
CA THR A 136 3.45 7.06 21.06
C THR A 136 2.51 7.75 22.03
N GLU A 137 1.49 7.04 22.49
CA GLU A 137 0.54 7.64 23.43
C GLU A 137 1.19 7.81 24.79
N PHE A 138 2.02 6.85 25.17
CA PHE A 138 2.67 6.92 26.47
C PHE A 138 3.58 8.14 26.61
N PHE A 139 4.43 8.38 25.62
CA PHE A 139 5.32 9.52 25.68
C PHE A 139 4.54 10.81 25.52
N GLU A 140 3.62 10.83 24.57
CA GLU A 140 2.82 12.02 24.33
C GLU A 140 2.21 12.51 25.63
N GLU A 141 1.65 11.59 26.39
CA GLU A 141 1.01 11.96 27.64
C GLU A 141 1.99 12.31 28.76
N ARG A 142 3.02 11.50 28.92
CA ARG A 142 3.98 11.76 29.98
C ARG A 142 4.78 13.03 29.70
N SER A 143 4.91 13.37 28.43
CA SER A 143 5.65 14.56 28.00
C SER A 143 4.73 15.77 28.00
N GLN A 144 3.44 15.51 28.16
CA GLN A 144 2.42 16.56 28.16
C GLN A 144 2.46 17.37 26.86
N ALA A 145 2.76 16.69 25.76
CA ALA A 145 2.81 17.33 24.46
C ALA A 145 1.36 17.57 24.01
N LYS A 146 1.12 18.70 23.37
CA LYS A 146 -0.21 19.01 22.90
C LYS A 146 -0.64 17.91 21.93
N LYS A 147 0.27 17.55 21.02
CA LYS A 147 -0.01 16.52 20.03
C LYS A 147 1.28 15.97 19.44
N VAL A 148 1.28 14.66 19.17
CA VAL A 148 2.44 14.02 18.56
C VAL A 148 2.04 13.47 17.21
N VAL A 149 3.03 13.20 16.38
CA VAL A 149 2.80 12.67 15.04
C VAL A 149 3.66 11.44 14.80
N MET A 150 3.02 10.36 14.37
CA MET A 150 3.75 9.12 14.10
C MET A 150 4.27 9.10 12.66
N MET A 151 5.56 8.82 12.53
CA MET A 151 6.21 8.77 11.22
C MET A 151 7.00 7.48 10.99
N LEU A 152 7.03 7.03 9.75
CA LEU A 152 7.79 5.83 9.35
C LEU A 152 8.76 6.28 8.26
N ALA A 153 10.01 5.89 8.36
CA ALA A 153 11.02 6.27 7.36
C ALA A 153 11.96 5.13 7.00
N THR A 154 12.50 5.17 5.78
CA THR A 154 13.44 4.17 5.29
C THR A 154 14.66 4.90 4.73
N GLU A 155 14.67 6.21 4.92
CA GLU A 155 15.79 7.00 4.42
C GLU A 155 15.21 8.29 3.90
N GLU A 156 15.25 8.46 2.58
CA GLU A 156 14.70 9.67 1.99
C GLU A 156 13.17 9.59 2.09
N LEU A 157 12.64 8.38 2.00
CA LEU A 157 11.19 8.17 2.06
C LEU A 157 10.64 8.19 3.48
N ARG A 158 9.93 9.26 3.82
CA ARG A 158 9.35 9.39 5.15
C ARG A 158 7.83 9.58 5.06
N VAL A 159 7.09 8.80 5.82
CA VAL A 159 5.65 8.94 5.80
C VAL A 159 5.10 9.22 7.18
N ALA A 160 4.27 10.26 7.28
CA ALA A 160 3.64 10.63 8.54
C ALA A 160 2.17 10.29 8.42
N LEU A 161 1.49 10.16 9.55
CA LEU A 161 0.06 9.83 9.58
C LEU A 161 -0.76 10.91 10.28
N ALA A 162 -1.80 11.40 9.62
CA ALA A 162 -2.67 12.42 10.20
C ALA A 162 -3.51 11.81 11.33
N THR A 163 -3.76 10.51 11.24
CA THR A 163 -4.52 9.79 12.26
C THR A 163 -3.83 8.44 12.38
N THR A 164 -3.87 7.88 13.59
CA THR A 164 -3.20 6.61 13.79
C THR A 164 -4.07 5.38 13.95
N HIS A 165 -4.04 4.78 15.12
CA HIS A 165 -4.78 3.56 15.36
C HIS A 165 -6.26 3.67 15.64
N LEU A 166 -7.00 4.23 14.69
CA LEU A 166 -8.45 4.39 14.83
C LEU A 166 -9.14 3.33 13.98
N PRO A 167 -10.38 2.96 14.33
CA PRO A 167 -11.05 1.96 13.51
C PRO A 167 -11.24 2.67 12.17
N LEU A 168 -11.17 1.93 11.06
CA LEU A 168 -11.34 2.55 9.76
C LEU A 168 -12.54 3.49 9.72
N ARG A 169 -13.66 3.04 10.30
CA ARG A 169 -14.88 3.82 10.30
C ARG A 169 -14.85 5.18 10.99
N ASP A 170 -13.86 5.41 11.85
CA ASP A 170 -13.78 6.67 12.57
C ASP A 170 -12.87 7.71 11.92
N ILE A 171 -12.10 7.30 10.93
CA ILE A 171 -11.17 8.21 10.26
C ILE A 171 -11.77 9.48 9.65
N ALA A 172 -12.79 9.29 8.80
CA ALA A 172 -13.43 10.40 8.13
C ALA A 172 -13.82 11.56 9.06
N ASP A 173 -14.58 11.26 10.12
CA ASP A 173 -15.00 12.32 11.02
C ASP A 173 -13.83 12.90 11.81
N ALA A 174 -12.70 12.20 11.84
CA ALA A 174 -11.53 12.68 12.57
C ALA A 174 -10.74 13.75 11.81
N ILE A 175 -10.86 13.73 10.48
CA ILE A 175 -10.16 14.69 9.64
C ILE A 175 -10.79 16.08 9.71
N THR A 176 -10.36 16.88 10.68
CA THR A 176 -10.88 18.24 10.86
C THR A 176 -9.80 19.27 10.54
N PRO A 177 -10.19 20.52 10.24
CA PRO A 177 -9.15 21.50 9.96
C PRO A 177 -8.21 21.66 11.14
N ALA A 178 -8.77 21.52 12.35
CA ALA A 178 -7.97 21.63 13.55
C ALA A 178 -6.90 20.55 13.57
N LEU A 179 -7.29 19.31 13.26
CA LEU A 179 -6.34 18.21 13.25
C LEU A 179 -5.27 18.39 12.19
N LEU A 180 -5.68 18.77 10.98
CA LEU A 180 -4.73 18.96 9.88
C LEU A 180 -3.71 20.03 10.20
N HIS A 181 -4.17 21.10 10.84
CA HIS A 181 -3.31 22.21 11.22
C HIS A 181 -2.22 21.78 12.21
N GLU A 182 -2.60 21.13 13.31
CA GLU A 182 -1.63 20.69 14.30
C GLU A 182 -0.63 19.73 13.68
N VAL A 183 -1.14 18.67 13.09
CA VAL A 183 -0.32 17.65 12.47
C VAL A 183 0.69 18.22 11.46
N ILE A 184 0.21 19.02 10.51
CA ILE A 184 1.11 19.59 9.53
C ILE A 184 2.08 20.56 10.17
N ALA A 185 1.59 21.32 11.14
CA ALA A 185 2.44 22.28 11.84
C ALA A 185 3.61 21.52 12.47
N ILE A 186 3.29 20.42 13.15
CA ILE A 186 4.32 19.60 13.79
C ILE A 186 5.22 18.95 12.74
N LEU A 187 4.62 18.41 11.69
CA LEU A 187 5.41 17.77 10.65
C LEU A 187 6.40 18.77 10.07
N HIS A 188 5.92 19.96 9.75
CA HIS A 188 6.78 20.99 9.19
C HIS A 188 7.84 21.42 10.21
N HIS A 189 7.43 21.61 11.45
CA HIS A 189 8.36 22.03 12.51
C HIS A 189 9.54 21.08 12.68
N ASP A 190 9.22 19.82 12.98
CA ASP A 190 10.22 18.79 13.21
C ASP A 190 11.10 18.45 12.01
N LEU A 191 10.56 18.58 10.81
CA LEU A 191 11.36 18.30 9.62
C LEU A 191 12.50 19.31 9.57
N ARG A 192 12.24 20.49 10.12
CA ARG A 192 13.22 21.56 10.16
C ARG A 192 14.17 21.41 11.35
N THR A 193 13.60 21.30 12.54
CA THR A 193 14.40 21.16 13.75
C THR A 193 15.13 19.84 13.87
N LYS A 194 14.40 18.73 13.80
CA LYS A 194 15.01 17.42 13.92
C LYS A 194 15.68 16.85 12.66
N PHE A 195 15.14 17.16 11.47
CA PHE A 195 15.74 16.64 10.25
C PHE A 195 16.66 17.63 9.52
N GLY A 196 16.81 18.82 10.09
CA GLY A 196 17.66 19.83 9.49
C GLY A 196 17.31 20.26 8.09
N ILE A 197 16.03 20.29 7.75
CA ILE A 197 15.61 20.72 6.41
C ILE A 197 15.04 22.13 6.50
N ALA A 198 15.79 23.09 5.98
CA ALA A 198 15.41 24.49 6.01
C ALA A 198 14.01 24.79 5.50
N GLU A 199 13.73 24.40 4.25
CA GLU A 199 12.42 24.63 3.66
C GLU A 199 11.81 23.30 3.23
N PRO A 200 11.23 22.59 4.20
CA PRO A 200 10.59 21.29 3.97
C PRO A 200 9.44 21.33 2.96
N ARG A 201 9.37 20.26 2.18
CA ARG A 201 8.36 20.09 1.15
C ARG A 201 7.52 18.88 1.55
N ILE A 202 6.24 19.11 1.83
CA ILE A 202 5.36 18.03 2.24
C ILE A 202 4.35 17.64 1.17
N LEU A 203 4.27 16.33 0.92
CA LEU A 203 3.37 15.72 -0.05
C LEU A 203 2.15 15.21 0.74
N VAL A 204 0.96 15.70 0.44
CA VAL A 204 -0.24 15.29 1.17
C VAL A 204 -1.21 14.35 0.42
N CYS A 205 -1.62 13.26 1.07
CA CYS A 205 -2.59 12.33 0.47
C CYS A 205 -3.98 12.87 0.71
N GLY A 206 -4.92 12.53 -0.18
CA GLY A 206 -6.28 12.94 0.05
C GLY A 206 -6.85 11.88 0.97
N LEU A 207 -8.09 12.02 1.38
CA LEU A 207 -8.70 11.02 2.25
C LEU A 207 -9.27 9.88 1.44
N ASN A 208 -9.98 10.22 0.38
CA ASN A 208 -10.64 9.25 -0.48
C ASN A 208 -9.83 8.77 -1.67
N PRO A 209 -10.24 7.66 -2.29
CA PRO A 209 -9.47 7.19 -3.44
C PRO A 209 -9.60 8.26 -4.53
N HIS A 210 -8.55 8.44 -5.33
CA HIS A 210 -8.55 9.45 -6.38
C HIS A 210 -8.70 10.85 -5.80
N ALA A 211 -8.34 10.99 -4.52
CA ALA A 211 -8.45 12.27 -3.81
C ALA A 211 -9.86 12.84 -3.94
N GLY A 212 -10.86 11.97 -3.95
CA GLY A 212 -12.23 12.43 -4.06
C GLY A 212 -12.71 12.64 -5.49
N GLU A 213 -11.87 12.36 -6.48
CA GLU A 213 -12.20 12.50 -7.89
C GLU A 213 -13.34 13.49 -8.09
N GLY A 214 -13.01 14.76 -7.84
CA GLY A 214 -13.96 15.85 -7.98
C GLY A 214 -14.86 15.87 -6.77
N GLY A 215 -16.01 15.25 -7.00
CA GLY A 215 -16.98 15.15 -5.94
C GLY A 215 -17.67 13.80 -5.92
N HIS A 216 -17.33 12.95 -6.90
CA HIS A 216 -17.93 11.63 -6.98
C HIS A 216 -17.64 10.69 -5.82
N MET A 217 -16.46 10.81 -5.22
CA MET A 217 -16.07 9.91 -4.15
C MET A 217 -15.63 10.57 -2.86
N GLY A 218 -16.50 11.34 -2.24
CA GLY A 218 -16.16 11.99 -1.00
C GLY A 218 -15.95 13.48 -1.17
N THR A 219 -16.35 14.22 -0.16
CA THR A 219 -16.24 15.68 -0.18
C THR A 219 -15.16 16.22 0.75
N GLU A 220 -14.54 15.35 1.55
CA GLU A 220 -13.53 15.83 2.48
C GLU A 220 -12.40 16.64 1.87
N GLU A 221 -11.99 16.31 0.64
CA GLU A 221 -10.91 17.07 0.00
C GLU A 221 -11.30 18.52 -0.26
N ILE A 222 -12.45 18.70 -0.90
CA ILE A 222 -12.97 20.03 -1.22
C ILE A 222 -13.46 20.77 0.03
N ASP A 223 -14.03 20.03 0.97
CA ASP A 223 -14.55 20.64 2.18
C ASP A 223 -13.51 21.08 3.22
N THR A 224 -12.51 20.25 3.52
CA THR A 224 -11.54 20.65 4.53
C THR A 224 -10.05 20.52 4.21
N ILE A 225 -9.67 19.46 3.52
CA ILE A 225 -8.25 19.29 3.21
C ILE A 225 -7.69 20.43 2.38
N ILE A 226 -8.22 20.61 1.17
CA ILE A 226 -7.77 21.67 0.28
C ILE A 226 -7.79 23.04 0.93
N PRO A 227 -8.90 23.41 1.56
CA PRO A 227 -8.91 24.74 2.19
C PRO A 227 -7.73 24.92 3.17
N VAL A 228 -7.60 23.99 4.11
CA VAL A 228 -6.51 24.07 5.09
C VAL A 228 -5.13 24.18 4.45
N LEU A 229 -4.89 23.37 3.41
CA LEU A 229 -3.60 23.35 2.75
C LEU A 229 -3.26 24.71 2.17
N ASN A 230 -4.25 25.39 1.62
CA ASN A 230 -4.04 26.69 1.04
C ASN A 230 -3.88 27.73 2.14
N GLU A 231 -4.44 27.46 3.32
CA GLU A 231 -4.29 28.38 4.46
C GLU A 231 -2.82 28.30 4.84
N LEU A 232 -2.28 27.08 4.85
CA LEU A 232 -0.88 26.88 5.20
C LEU A 232 0.06 27.34 4.09
N ARG A 233 -0.30 27.11 2.84
CA ARG A 233 0.55 27.56 1.73
C ARG A 233 0.74 29.05 1.85
N ALA A 234 -0.32 29.77 2.20
CA ALA A 234 -0.24 31.22 2.36
C ALA A 234 0.73 31.55 3.49
N GLN A 235 0.87 30.65 4.46
CA GLN A 235 1.80 30.86 5.57
C GLN A 235 3.23 30.62 5.11
N GLY A 236 3.39 30.29 3.84
CA GLY A 236 4.72 30.07 3.31
C GLY A 236 5.13 28.61 3.25
N MET A 237 4.24 27.72 3.69
CA MET A 237 4.54 26.29 3.65
C MET A 237 4.46 25.73 2.25
N LYS A 238 5.41 24.87 1.91
CA LYS A 238 5.45 24.25 0.59
C LYS A 238 4.72 22.92 0.69
N LEU A 239 3.50 22.89 0.14
CA LEU A 239 2.67 21.70 0.18
C LEU A 239 2.19 21.27 -1.20
N ASN A 240 2.21 19.97 -1.46
CA ASN A 240 1.76 19.48 -2.76
C ASN A 240 0.65 18.46 -2.53
N GLY A 241 -0.53 18.74 -3.05
CA GLY A 241 -1.67 17.85 -2.89
C GLY A 241 -2.95 18.60 -2.56
N PRO A 242 -3.99 17.89 -2.11
CA PRO A 242 -3.99 16.45 -1.90
C PRO A 242 -4.00 15.66 -3.20
N LEU A 243 -3.29 14.54 -3.18
CA LEU A 243 -3.20 13.69 -4.35
C LEU A 243 -3.71 12.29 -4.00
N PRO A 244 -4.03 11.50 -5.03
CA PRO A 244 -4.51 10.14 -4.82
C PRO A 244 -3.35 9.33 -4.24
N ALA A 245 -3.61 8.50 -3.25
CA ALA A 245 -2.57 7.71 -2.61
C ALA A 245 -1.90 6.70 -3.54
N ASP A 246 -2.62 6.22 -4.54
CA ASP A 246 -2.05 5.25 -5.46
C ASP A 246 -1.41 5.92 -6.66
N THR A 247 -1.13 7.20 -6.55
CA THR A 247 -0.48 7.95 -7.62
C THR A 247 0.66 8.74 -7.00
N LEU A 248 0.41 9.21 -5.79
CA LEU A 248 1.35 10.02 -5.03
C LEU A 248 2.73 9.39 -4.86
N PHE A 249 2.78 8.09 -4.63
CA PHE A 249 4.04 7.40 -4.42
C PHE A 249 4.81 7.13 -5.71
N GLN A 250 5.26 8.22 -6.35
CA GLN A 250 6.02 8.15 -7.57
C GLN A 250 7.17 9.15 -7.54
N PRO A 251 8.19 8.93 -8.38
CA PRO A 251 9.37 9.81 -8.43
C PRO A 251 9.06 11.25 -8.76
N LYS A 252 8.11 11.50 -9.66
CA LYS A 252 7.78 12.88 -10.02
C LYS A 252 7.23 13.64 -8.84
N TYR A 253 6.83 12.91 -7.80
CA TYR A 253 6.29 13.54 -6.59
C TYR A 253 7.26 13.39 -5.41
N LEU A 254 7.71 12.16 -5.17
CA LEU A 254 8.63 11.87 -4.07
C LEU A 254 9.99 12.56 -4.19
N ASP A 255 10.55 12.62 -5.39
CA ASP A 255 11.85 13.24 -5.62
C ASP A 255 11.93 14.70 -5.24
N ASN A 256 10.78 15.32 -5.10
CA ASN A 256 10.72 16.73 -4.75
C ASN A 256 10.00 16.92 -3.41
N ALA A 257 9.85 15.84 -2.65
CA ALA A 257 9.19 15.91 -1.36
C ALA A 257 10.09 15.38 -0.25
N ASP A 258 10.06 16.03 0.91
CA ASP A 258 10.86 15.60 2.03
C ASP A 258 10.06 14.63 2.91
N ALA A 259 8.74 14.62 2.72
CA ALA A 259 7.88 13.75 3.50
C ALA A 259 6.47 13.66 2.94
N VAL A 260 5.77 12.59 3.28
CA VAL A 260 4.42 12.39 2.82
C VAL A 260 3.50 12.33 4.02
N LEU A 261 2.33 12.96 3.91
CA LEU A 261 1.37 12.94 4.99
C LEU A 261 0.20 12.10 4.53
N ALA A 262 0.04 10.92 5.12
CA ALA A 262 -1.08 10.05 4.78
C ALA A 262 -2.23 10.41 5.72
N MET A 263 -3.46 10.32 5.23
CA MET A 263 -4.61 10.63 6.06
C MET A 263 -4.83 9.56 7.11
N TYR A 264 -4.39 8.34 6.83
CA TYR A 264 -4.56 7.27 7.80
C TYR A 264 -3.57 6.13 7.67
N HIS A 265 -3.47 5.38 8.78
CA HIS A 265 -2.56 4.24 8.95
C HIS A 265 -2.30 3.36 7.73
N ASP A 266 -3.30 2.59 7.30
CA ASP A 266 -3.10 1.69 6.16
C ASP A 266 -3.01 2.38 4.80
N GLN A 267 -3.01 3.70 4.79
CA GLN A 267 -2.92 4.38 3.53
C GLN A 267 -1.46 4.60 3.20
N GLY A 268 -0.65 4.80 4.24
CA GLY A 268 0.75 5.06 3.99
C GLY A 268 1.77 4.05 4.41
N LEU A 269 1.50 3.27 5.44
CA LEU A 269 2.48 2.31 5.91
C LEU A 269 2.79 1.11 5.01
N PRO A 270 1.79 0.57 4.30
CA PRO A 270 2.09 -0.59 3.43
C PRO A 270 3.21 -0.35 2.41
N VAL A 271 3.17 0.76 1.70
CA VAL A 271 4.22 1.05 0.71
C VAL A 271 5.60 1.10 1.38
N LEU A 272 5.68 1.86 2.48
CA LEU A 272 6.92 2.02 3.24
C LEU A 272 7.43 0.65 3.69
N LYS A 273 6.54 -0.15 4.25
CA LYS A 273 6.91 -1.49 4.73
C LYS A 273 7.37 -2.39 3.60
N TYR A 274 6.75 -2.26 2.45
CA TYR A 274 7.12 -3.07 1.32
C TYR A 274 8.41 -2.56 0.71
N GLN A 275 8.89 -1.42 1.22
CA GLN A 275 10.10 -0.79 0.73
C GLN A 275 11.30 -1.41 1.44
N GLY A 276 11.05 -2.29 2.41
CA GLY A 276 12.10 -2.99 3.16
C GLY A 276 11.73 -3.28 4.61
N PHE A 277 11.64 -4.56 4.91
CA PHE A 277 11.29 -5.04 6.24
C PHE A 277 12.17 -4.47 7.34
N GLY A 278 13.49 -4.68 7.24
CA GLY A 278 14.37 -4.10 8.23
C GLY A 278 14.60 -2.70 7.72
N ARG A 279 15.65 -2.04 8.21
CA ARG A 279 15.95 -0.70 7.75
C ARG A 279 14.78 0.28 7.87
N GLY A 280 13.68 -0.17 8.49
CA GLY A 280 12.52 0.70 8.63
C GLY A 280 12.52 1.33 10.01
N VAL A 281 12.36 2.64 10.08
CA VAL A 281 12.38 3.31 11.38
C VAL A 281 11.12 4.06 11.79
N ASN A 282 10.76 3.88 13.04
CA ASN A 282 9.60 4.54 13.60
C ASN A 282 10.07 5.79 14.31
N ILE A 283 9.42 6.90 14.03
CA ILE A 283 9.82 8.15 14.65
C ILE A 283 8.61 8.86 15.21
N THR A 284 8.78 9.47 16.38
CA THR A 284 7.69 10.21 16.98
C THR A 284 8.00 11.69 16.92
N LEU A 285 7.12 12.44 16.27
CA LEU A 285 7.33 13.88 16.13
C LEU A 285 6.45 14.64 17.11
N GLY A 286 6.90 15.83 17.52
CA GLY A 286 6.09 16.61 18.45
C GLY A 286 6.51 16.56 19.90
N LEU A 287 7.37 15.61 20.26
CA LEU A 287 7.85 15.49 21.62
C LEU A 287 9.02 16.45 21.77
N PRO A 288 9.34 16.86 23.01
CA PRO A 288 10.44 17.78 23.30
C PRO A 288 11.80 17.16 22.97
N PHE A 289 11.81 15.85 22.82
CA PHE A 289 13.04 15.13 22.52
C PHE A 289 12.92 14.23 21.31
N ILE A 290 14.07 13.78 20.81
CA ILE A 290 14.10 12.88 19.67
C ILE A 290 13.75 11.47 20.13
N ARG A 291 12.78 10.85 19.46
CA ARG A 291 12.40 9.48 19.78
C ARG A 291 12.24 8.66 18.50
N THR A 292 13.04 7.60 18.38
CA THR A 292 12.97 6.69 17.24
C THR A 292 12.62 5.34 17.83
N SER A 293 12.41 4.35 16.97
CA SER A 293 12.03 3.04 17.45
C SER A 293 12.14 2.01 16.34
N VAL A 294 12.05 0.75 16.73
CA VAL A 294 12.11 -0.34 15.77
C VAL A 294 10.71 -0.35 15.15
N ASP A 295 10.57 -1.00 13.99
CA ASP A 295 9.26 -1.04 13.34
C ASP A 295 8.71 -2.46 13.29
N HIS A 296 8.98 -3.24 14.34
CA HIS A 296 8.50 -4.61 14.42
C HIS A 296 8.09 -5.01 15.84
N GLY A 297 7.48 -6.19 15.95
CA GLY A 297 7.02 -6.69 17.24
C GLY A 297 8.06 -7.35 18.13
N THR A 298 7.60 -7.88 19.27
CA THR A 298 8.45 -8.51 20.27
C THR A 298 8.93 -9.90 19.86
N ALA A 299 8.25 -10.50 18.91
CA ALA A 299 8.61 -11.82 18.40
C ALA A 299 9.02 -12.79 19.51
N LEU A 300 8.11 -13.01 20.46
CA LEU A 300 8.39 -13.91 21.58
C LEU A 300 9.02 -15.21 21.09
N GLU A 301 8.46 -15.74 20.02
CA GLU A 301 8.92 -16.98 19.42
C GLU A 301 10.40 -17.03 19.06
N LEU A 302 11.05 -15.88 18.95
CA LEU A 302 12.46 -15.88 18.58
C LEU A 302 13.41 -15.53 19.72
N ALA A 303 12.87 -14.96 20.79
CA ALA A 303 13.67 -14.57 21.93
C ALA A 303 14.67 -15.67 22.33
N GLY A 304 15.89 -15.25 22.63
CA GLY A 304 16.94 -16.16 23.06
C GLY A 304 17.38 -17.24 22.07
N ARG A 305 16.70 -17.35 20.94
CA ARG A 305 17.02 -18.39 19.96
C ARG A 305 18.15 -17.98 19.00
N GLY A 306 18.49 -16.70 18.99
CA GLY A 306 19.58 -16.17 18.15
C GLY A 306 19.33 -15.92 16.66
N LYS A 307 18.07 -15.88 16.23
CA LYS A 307 17.77 -15.61 14.82
C LYS A 307 17.30 -14.16 14.68
N ALA A 308 17.82 -13.33 15.57
CA ALA A 308 17.53 -11.90 15.70
C ALA A 308 17.08 -11.05 14.51
N ASP A 309 18.03 -10.32 13.93
CA ASP A 309 17.81 -9.39 12.83
C ASP A 309 17.69 -8.00 13.45
N VAL A 310 18.85 -7.41 13.72
CA VAL A 310 18.96 -6.11 14.36
C VAL A 310 18.92 -4.94 13.39
N GLY A 311 18.60 -5.22 12.14
CA GLY A 311 18.54 -4.18 11.12
C GLY A 311 17.72 -2.96 11.49
N SER A 312 16.49 -3.18 11.96
CA SER A 312 15.64 -2.06 12.31
C SER A 312 16.15 -1.29 13.53
N PHE A 313 16.60 -2.01 14.54
CA PHE A 313 17.10 -1.37 15.76
C PHE A 313 18.33 -0.53 15.44
N ILE A 314 19.21 -1.07 14.60
CA ILE A 314 20.43 -0.36 14.23
C ILE A 314 20.13 0.91 13.43
N THR A 315 19.22 0.83 12.48
CA THR A 315 18.88 1.99 11.70
C THR A 315 18.18 3.04 12.57
N ALA A 316 17.41 2.57 13.55
CA ALA A 316 16.69 3.46 14.47
C ALA A 316 17.68 4.30 15.26
N LEU A 317 18.72 3.62 15.70
CA LEU A 317 19.77 4.22 16.49
C LEU A 317 20.61 5.18 15.64
N ASN A 318 20.96 4.76 14.42
CA ASN A 318 21.75 5.62 13.55
C ASN A 318 21.00 6.91 13.26
N LEU A 319 19.71 6.81 13.03
CA LEU A 319 18.87 7.96 12.74
C LEU A 319 18.78 8.93 13.93
N ALA A 320 18.56 8.39 15.12
CA ALA A 320 18.48 9.24 16.30
C ALA A 320 19.80 9.99 16.45
N ILE A 321 20.91 9.28 16.23
CA ILE A 321 22.21 9.90 16.34
C ILE A 321 22.36 11.02 15.32
N LYS A 322 22.06 10.72 14.06
CA LYS A 322 22.17 11.72 13.01
C LYS A 322 21.29 12.92 13.36
N MET A 323 20.15 12.64 13.98
CA MET A 323 19.20 13.69 14.37
C MET A 323 19.70 14.60 15.48
N ILE A 324 20.52 14.08 16.38
CA ILE A 324 21.05 14.87 17.49
C ILE A 324 21.80 16.10 16.99
N VAL A 325 22.55 15.94 15.89
CA VAL A 325 23.29 17.05 15.32
C VAL A 325 22.37 18.25 15.10
N ASN A 326 21.28 18.03 14.36
CA ASN A 326 20.32 19.09 14.05
C ASN A 326 19.70 19.81 15.26
N THR A 327 19.66 19.14 16.42
CA THR A 327 19.06 19.75 17.60
C THR A 327 20.10 20.37 18.53
N GLN A 328 21.28 19.77 18.57
CA GLN A 328 22.37 20.28 19.40
C GLN A 328 23.24 21.15 18.51
N VAL B 1 -1.52 -25.25 -28.10
CA VAL B 1 -2.02 -26.19 -29.15
C VAL B 1 -2.49 -25.37 -30.35
N LYS B 2 -3.80 -25.24 -30.48
CA LYS B 2 -4.40 -24.48 -31.57
C LYS B 2 -4.29 -22.98 -31.28
N THR B 3 -4.07 -22.21 -32.34
CA THR B 3 -3.94 -20.76 -32.21
C THR B 3 -5.28 -20.18 -31.78
N GLN B 4 -5.26 -19.44 -30.69
CA GLN B 4 -6.46 -18.82 -30.16
C GLN B 4 -6.64 -17.41 -30.71
N ARG B 5 -7.85 -16.89 -30.56
CA ARG B 5 -8.18 -15.53 -31.01
C ARG B 5 -8.60 -14.72 -29.79
N VAL B 6 -8.15 -13.48 -29.71
CA VAL B 6 -8.59 -12.62 -28.61
C VAL B 6 -9.22 -11.41 -29.29
N VAL B 7 -10.24 -10.83 -28.67
CA VAL B 7 -10.87 -9.67 -29.28
C VAL B 7 -10.46 -8.43 -28.50
N ILE B 8 -10.20 -7.36 -29.26
CA ILE B 8 -9.78 -6.10 -28.67
C ILE B 8 -10.71 -5.00 -29.11
N THR B 9 -11.15 -4.18 -28.17
CA THR B 9 -12.01 -3.06 -28.50
C THR B 9 -11.20 -1.79 -28.21
N PRO B 10 -10.79 -1.07 -29.27
CA PRO B 10 -10.02 0.15 -29.06
C PRO B 10 -10.73 1.16 -28.17
N GLY B 11 -12.06 1.10 -28.14
CA GLY B 11 -12.84 2.02 -27.31
C GLY B 11 -13.17 3.34 -27.97
N GLU B 12 -13.28 4.38 -27.15
CA GLU B 12 -13.59 5.73 -27.64
C GLU B 12 -12.69 6.04 -28.84
N PRO B 13 -13.31 6.16 -30.03
CA PRO B 13 -12.57 6.46 -31.25
C PRO B 13 -11.73 7.72 -31.22
N ALA B 14 -12.20 8.73 -30.52
CA ALA B 14 -11.47 9.99 -30.45
C ALA B 14 -10.32 9.96 -29.45
N GLY B 15 -10.32 8.97 -28.57
CA GLY B 15 -9.25 8.86 -27.59
C GLY B 15 -8.02 8.14 -28.12
N ILE B 16 -7.11 7.77 -27.21
CA ILE B 16 -5.87 7.08 -27.61
C ILE B 16 -6.04 5.60 -27.93
N GLY B 17 -7.21 5.04 -27.64
CA GLY B 17 -7.43 3.63 -27.91
C GLY B 17 -6.91 3.15 -29.25
N PRO B 18 -7.37 3.73 -30.36
CA PRO B 18 -6.94 3.35 -31.71
C PRO B 18 -5.43 3.45 -31.86
N ASP B 19 -4.85 4.52 -31.31
CA ASP B 19 -3.41 4.76 -31.34
C ASP B 19 -2.70 3.57 -30.72
N LEU B 20 -3.13 3.21 -29.50
CA LEU B 20 -2.55 2.10 -28.76
C LEU B 20 -2.65 0.77 -29.49
N VAL B 21 -3.75 0.60 -30.23
CA VAL B 21 -3.94 -0.64 -30.96
C VAL B 21 -3.08 -0.72 -32.20
N VAL B 22 -2.92 0.41 -32.89
CA VAL B 22 -2.11 0.46 -34.10
C VAL B 22 -0.64 0.18 -33.78
N GLN B 23 -0.23 0.52 -32.58
CA GLN B 23 1.15 0.28 -32.16
C GLN B 23 1.30 -1.19 -31.75
N LEU B 24 0.30 -1.70 -31.05
CA LEU B 24 0.28 -3.10 -30.64
C LEU B 24 0.57 -3.95 -31.88
N ALA B 25 -0.09 -3.58 -32.97
CA ALA B 25 0.04 -4.26 -34.24
C ALA B 25 1.44 -4.34 -34.83
N GLN B 26 2.30 -3.39 -34.51
CA GLN B 26 3.64 -3.37 -35.06
C GLN B 26 4.53 -4.56 -34.69
N ARG B 27 4.02 -5.46 -33.88
CA ARG B 27 4.79 -6.63 -33.52
C ARG B 27 3.95 -7.90 -33.64
N GLU B 28 4.62 -9.04 -33.79
CA GLU B 28 3.99 -10.35 -33.94
C GLU B 28 3.33 -10.79 -32.62
N TRP B 29 2.33 -11.65 -32.72
CA TRP B 29 1.65 -12.16 -31.53
C TRP B 29 1.38 -13.64 -31.71
N PRO B 30 1.30 -14.39 -30.61
CA PRO B 30 1.05 -15.83 -30.66
C PRO B 30 -0.42 -16.15 -30.82
N VAL B 31 -1.24 -15.10 -30.77
CA VAL B 31 -2.68 -15.26 -30.92
C VAL B 31 -3.12 -14.38 -32.08
N GLU B 32 -4.33 -14.61 -32.57
CA GLU B 32 -4.86 -13.78 -33.65
C GLU B 32 -5.49 -12.59 -32.97
N LEU B 33 -5.18 -11.39 -33.43
CA LEU B 33 -5.74 -10.20 -32.80
C LEU B 33 -6.97 -9.67 -33.53
N VAL B 34 -8.15 -10.01 -33.02
CA VAL B 34 -9.38 -9.56 -33.63
C VAL B 34 -9.74 -8.21 -33.01
N VAL B 35 -9.64 -7.16 -33.80
CA VAL B 35 -9.96 -5.82 -33.33
C VAL B 35 -11.38 -5.44 -33.78
N CYS B 36 -12.28 -5.27 -32.83
CA CYS B 36 -13.64 -4.90 -33.19
C CYS B 36 -13.69 -3.37 -33.27
N ALA B 37 -13.63 -2.85 -34.49
CA ALA B 37 -13.62 -1.41 -34.73
C ALA B 37 -13.87 -1.07 -36.20
N ASP B 38 -13.85 0.23 -36.49
CA ASP B 38 -14.05 0.75 -37.85
C ASP B 38 -12.70 0.76 -38.59
N ALA B 39 -12.60 0.01 -39.69
CA ALA B 39 -11.37 -0.05 -40.46
C ALA B 39 -10.74 1.32 -40.72
N THR B 40 -11.52 2.22 -41.30
CA THR B 40 -11.07 3.56 -41.63
C THR B 40 -10.44 4.26 -40.45
N LEU B 41 -11.08 4.14 -39.29
CA LEU B 41 -10.57 4.76 -38.09
C LEU B 41 -9.13 4.30 -37.86
N LEU B 42 -8.91 3.00 -37.92
CA LEU B 42 -7.59 2.44 -37.68
C LEU B 42 -6.59 2.80 -38.76
N THR B 43 -7.03 2.77 -40.01
CA THR B 43 -6.15 3.10 -41.13
C THR B 43 -5.67 4.54 -40.97
N ASN B 44 -6.62 5.45 -40.79
CA ASN B 44 -6.31 6.87 -40.64
C ASN B 44 -5.38 7.15 -39.48
N ARG B 45 -5.71 6.65 -38.29
CA ARG B 45 -4.88 6.89 -37.12
C ARG B 45 -3.47 6.36 -37.33
N ALA B 46 -3.35 5.32 -38.15
CA ALA B 46 -2.05 4.74 -38.44
C ALA B 46 -1.28 5.77 -39.27
N ALA B 47 -1.95 6.33 -40.26
CA ALA B 47 -1.33 7.34 -41.10
C ALA B 47 -0.81 8.46 -40.19
N MET B 48 -1.73 9.10 -39.45
CA MET B 48 -1.38 10.18 -38.53
C MET B 48 -0.16 9.88 -37.69
N LEU B 49 0.03 8.60 -37.38
CA LEU B 49 1.15 8.18 -36.56
C LEU B 49 2.40 7.76 -37.30
N GLY B 50 2.32 7.73 -38.63
CA GLY B 50 3.46 7.33 -39.41
C GLY B 50 3.77 5.84 -39.26
N LEU B 51 2.76 5.07 -38.86
CA LEU B 51 2.95 3.64 -38.69
C LEU B 51 2.26 2.84 -39.79
N PRO B 52 2.89 1.76 -40.23
CA PRO B 52 2.30 0.94 -41.29
C PRO B 52 1.17 0.09 -40.69
N LEU B 53 0.19 -0.25 -41.53
CA LEU B 53 -0.92 -1.06 -41.05
C LEU B 53 -1.66 -1.74 -42.19
N THR B 54 -1.87 -3.04 -42.03
CA THR B 54 -2.57 -3.85 -43.00
C THR B 54 -3.67 -4.60 -42.21
N LEU B 55 -4.92 -4.48 -42.66
CA LEU B 55 -6.02 -5.11 -41.98
C LEU B 55 -6.54 -6.31 -42.76
N ARG B 56 -6.59 -7.46 -42.11
CA ARG B 56 -7.12 -8.67 -42.72
C ARG B 56 -8.46 -8.92 -42.07
N PRO B 57 -9.45 -9.39 -42.84
CA PRO B 57 -10.80 -9.66 -42.35
C PRO B 57 -10.92 -10.87 -41.43
N TYR B 58 -11.81 -10.75 -40.44
CA TYR B 58 -12.09 -11.81 -39.49
C TYR B 58 -12.74 -12.91 -40.30
N SER B 59 -12.17 -14.11 -40.28
CA SER B 59 -12.71 -15.22 -41.03
C SER B 59 -12.92 -16.44 -40.14
N PRO B 60 -13.98 -16.41 -39.31
CA PRO B 60 -14.30 -17.51 -38.40
C PRO B 60 -14.19 -18.92 -38.98
N ASN B 61 -14.42 -19.07 -40.29
CA ASN B 61 -14.35 -20.39 -40.89
C ASN B 61 -12.92 -20.87 -41.14
N SER B 62 -11.98 -19.92 -41.11
CA SER B 62 -10.58 -20.25 -41.32
C SER B 62 -9.92 -20.48 -39.97
N PRO B 63 -8.79 -21.17 -39.98
CA PRO B 63 -8.09 -21.42 -38.71
C PRO B 63 -7.45 -20.11 -38.28
N ALA B 64 -7.50 -19.81 -36.98
CA ALA B 64 -6.89 -18.59 -36.45
C ALA B 64 -5.40 -18.63 -36.72
N GLN B 65 -4.82 -17.49 -37.06
CA GLN B 65 -3.39 -17.40 -37.35
C GLN B 65 -2.75 -16.37 -36.47
N PRO B 66 -1.60 -16.69 -35.87
CA PRO B 66 -0.94 -15.70 -35.01
C PRO B 66 -0.76 -14.42 -35.81
N GLN B 67 -0.99 -13.28 -35.17
CA GLN B 67 -0.91 -11.98 -35.84
C GLN B 67 0.51 -11.57 -36.22
N THR B 68 0.68 -11.26 -37.50
CA THR B 68 1.98 -10.83 -38.01
C THR B 68 2.20 -9.33 -37.87
N ALA B 69 3.41 -8.96 -37.47
CA ALA B 69 3.76 -7.55 -37.28
C ALA B 69 3.22 -6.66 -38.39
N GLY B 70 2.73 -5.48 -38.00
CA GLY B 70 2.19 -4.53 -38.96
C GLY B 70 0.82 -4.87 -39.49
N THR B 71 0.15 -5.81 -38.83
CA THR B 71 -1.16 -6.24 -39.26
C THR B 71 -2.13 -6.44 -38.10
N LEU B 72 -3.42 -6.50 -38.42
CA LEU B 72 -4.47 -6.71 -37.43
C LEU B 72 -5.65 -7.40 -38.10
N THR B 73 -6.39 -8.20 -37.35
CA THR B 73 -7.56 -8.86 -37.94
C THR B 73 -8.74 -7.96 -37.59
N LEU B 74 -9.58 -7.64 -38.57
CA LEU B 74 -10.71 -6.76 -38.29
C LEU B 74 -12.11 -7.33 -38.27
N LEU B 75 -12.83 -7.02 -37.20
CA LEU B 75 -14.22 -7.40 -37.03
C LEU B 75 -14.87 -6.01 -37.15
N PRO B 76 -15.31 -5.67 -38.36
CA PRO B 76 -15.96 -4.42 -38.76
C PRO B 76 -17.25 -3.94 -38.12
N VAL B 77 -17.17 -2.70 -37.65
CA VAL B 77 -18.27 -1.98 -37.01
C VAL B 77 -18.11 -0.54 -37.50
N ALA B 78 -19.16 0.01 -38.10
CA ALA B 78 -19.10 1.33 -38.67
C ALA B 78 -19.41 2.51 -37.77
N LEU B 79 -18.57 3.52 -37.90
CA LEU B 79 -18.71 4.77 -37.16
C LEU B 79 -19.98 5.46 -37.65
N ARG B 80 -20.60 6.24 -36.78
CA ARG B 80 -21.81 6.96 -37.16
C ARG B 80 -21.40 8.32 -37.72
N ALA B 81 -20.21 8.80 -37.32
CA ALA B 81 -19.75 10.10 -37.77
C ALA B 81 -18.22 10.20 -37.88
N PRO B 82 -17.73 11.16 -38.68
CA PRO B 82 -16.29 11.37 -38.88
C PRO B 82 -15.64 11.53 -37.52
N VAL B 83 -14.41 11.08 -37.39
CA VAL B 83 -13.73 11.20 -36.12
C VAL B 83 -12.59 12.17 -36.20
N THR B 84 -12.51 13.03 -35.20
CA THR B 84 -11.44 14.00 -35.12
C THR B 84 -10.77 13.71 -33.78
N ALA B 85 -9.57 13.17 -33.82
CA ALA B 85 -8.84 12.85 -32.59
C ALA B 85 -8.95 14.00 -31.60
N GLY B 86 -9.18 13.67 -30.32
CA GLY B 86 -9.29 14.69 -29.31
C GLY B 86 -10.64 15.37 -29.18
N GLN B 87 -11.60 15.07 -30.06
CA GLN B 87 -12.93 15.70 -29.98
C GLN B 87 -14.07 14.67 -29.87
N LEU B 88 -14.82 14.74 -28.78
CA LEU B 88 -15.91 13.79 -28.58
C LEU B 88 -17.12 14.11 -29.47
N ALA B 89 -17.67 13.07 -30.10
CA ALA B 89 -18.86 13.21 -30.94
C ALA B 89 -19.94 12.25 -30.41
N VAL B 90 -20.99 12.82 -29.82
CA VAL B 90 -22.07 12.03 -29.26
C VAL B 90 -22.55 10.89 -30.18
N GLU B 91 -22.73 11.20 -31.45
CA GLU B 91 -23.21 10.21 -32.41
C GLU B 91 -22.40 8.91 -32.37
N ASN B 92 -21.09 9.02 -32.19
CA ASN B 92 -20.24 7.83 -32.15
C ASN B 92 -20.33 7.01 -30.86
N GLY B 93 -21.14 7.47 -29.91
CA GLY B 93 -21.31 6.72 -28.69
C GLY B 93 -21.95 5.39 -29.05
N HIS B 94 -22.85 5.43 -30.02
CA HIS B 94 -23.55 4.24 -30.48
C HIS B 94 -22.57 3.23 -31.07
N TYR B 95 -21.50 3.76 -31.65
CA TYR B 95 -20.44 2.95 -32.25
C TYR B 95 -19.68 2.23 -31.15
N VAL B 96 -19.24 2.99 -30.16
CA VAL B 96 -18.48 2.43 -29.05
C VAL B 96 -19.25 1.27 -28.44
N VAL B 97 -20.50 1.52 -28.10
CA VAL B 97 -21.37 0.53 -27.49
C VAL B 97 -21.54 -0.70 -28.38
N GLU B 98 -21.71 -0.51 -29.67
CA GLU B 98 -21.89 -1.66 -30.54
C GLU B 98 -20.65 -2.54 -30.54
N THR B 99 -19.45 -1.94 -30.56
CA THR B 99 -18.23 -2.75 -30.55
C THR B 99 -18.15 -3.53 -29.24
N LEU B 100 -18.53 -2.90 -28.13
CA LEU B 100 -18.49 -3.58 -26.85
C LEU B 100 -19.45 -4.78 -26.81
N ALA B 101 -20.64 -4.59 -27.37
CA ALA B 101 -21.66 -5.64 -27.40
C ALA B 101 -21.20 -6.81 -28.25
N ARG B 102 -20.72 -6.49 -29.45
CA ARG B 102 -20.23 -7.51 -30.37
C ARG B 102 -19.07 -8.28 -29.75
N ALA B 103 -18.12 -7.57 -29.14
CA ALA B 103 -16.98 -8.25 -28.53
C ALA B 103 -17.46 -9.16 -27.40
N CYS B 104 -18.35 -8.65 -26.56
CA CYS B 104 -18.89 -9.41 -25.44
C CYS B 104 -19.59 -10.68 -25.95
N ASP B 105 -20.51 -10.51 -26.89
CA ASP B 105 -21.25 -11.64 -27.45
C ASP B 105 -20.29 -12.70 -28.00
N GLY B 106 -19.23 -12.25 -28.66
CA GLY B 106 -18.27 -13.17 -29.23
C GLY B 106 -17.53 -13.96 -28.17
N CYS B 107 -17.40 -13.38 -26.97
CA CYS B 107 -16.72 -14.07 -25.90
C CYS B 107 -17.64 -15.12 -25.26
N LEU B 108 -18.95 -14.88 -25.34
CA LEU B 108 -19.95 -15.80 -24.80
C LEU B 108 -20.27 -16.91 -25.81
N ASN B 109 -19.95 -16.65 -27.08
CA ASN B 109 -20.20 -17.60 -28.18
C ASN B 109 -19.04 -18.59 -28.26
N GLY B 110 -17.87 -18.13 -27.85
CA GLY B 110 -16.70 -18.99 -27.92
C GLY B 110 -15.84 -18.57 -29.11
N GLU B 111 -16.29 -17.51 -29.81
CA GLU B 111 -15.55 -17.00 -30.96
C GLU B 111 -14.20 -16.48 -30.50
N PHE B 112 -14.15 -15.85 -29.32
CA PHE B 112 -12.91 -15.28 -28.83
C PHE B 112 -12.52 -15.83 -27.46
N ALA B 113 -11.23 -16.03 -27.25
CA ALA B 113 -10.72 -16.59 -26.01
C ALA B 113 -10.64 -15.59 -24.88
N ALA B 114 -10.55 -14.31 -25.21
CA ALA B 114 -10.48 -13.28 -24.17
C ALA B 114 -10.78 -11.92 -24.77
N LEU B 115 -11.06 -10.96 -23.90
CA LEU B 115 -11.37 -9.60 -24.32
C LEU B 115 -10.42 -8.60 -23.68
N ILE B 116 -9.79 -7.77 -24.49
CA ILE B 116 -8.90 -6.74 -23.95
C ILE B 116 -9.53 -5.43 -24.39
N THR B 117 -9.95 -4.62 -23.44
CA THR B 117 -10.61 -3.35 -23.77
C THR B 117 -9.76 -2.09 -23.68
N GLY B 118 -9.97 -1.21 -24.64
CA GLY B 118 -9.28 0.06 -24.66
C GLY B 118 -10.13 1.04 -23.86
N PRO B 119 -9.64 2.26 -23.60
CA PRO B 119 -10.43 3.22 -22.82
C PRO B 119 -11.66 3.78 -23.52
N VAL B 120 -12.73 3.93 -22.75
CA VAL B 120 -13.99 4.44 -23.25
C VAL B 120 -14.45 5.63 -22.41
N HIS B 121 -15.06 6.60 -23.06
CA HIS B 121 -15.53 7.79 -22.39
C HIS B 121 -17.01 7.64 -22.07
N LYS B 122 -17.32 7.46 -20.79
CA LYS B 122 -18.71 7.29 -20.35
C LYS B 122 -19.58 8.49 -20.70
N GLY B 123 -19.14 9.67 -20.32
CA GLY B 123 -19.90 10.86 -20.60
C GLY B 123 -20.52 10.97 -21.98
N VAL B 124 -19.69 10.95 -23.03
CA VAL B 124 -20.23 11.10 -24.38
C VAL B 124 -21.32 10.09 -24.72
N ILE B 125 -21.19 8.88 -24.21
CA ILE B 125 -22.18 7.84 -24.46
C ILE B 125 -23.50 8.25 -23.78
N ASN B 126 -23.40 8.65 -22.53
CA ASN B 126 -24.59 9.08 -21.80
C ASN B 126 -25.19 10.31 -22.47
N ASP B 127 -24.36 11.27 -22.85
CA ASP B 127 -24.87 12.49 -23.49
C ASP B 127 -25.61 12.20 -24.79
N ALA B 128 -25.31 11.07 -25.41
CA ALA B 128 -25.97 10.69 -26.65
C ALA B 128 -27.35 10.14 -26.34
N GLY B 129 -27.66 9.98 -25.06
CA GLY B 129 -28.95 9.45 -24.67
C GLY B 129 -28.92 7.94 -24.53
N ILE B 130 -27.71 7.40 -24.44
CA ILE B 130 -27.49 5.97 -24.30
C ILE B 130 -27.28 5.58 -22.84
N PRO B 131 -28.25 4.84 -22.26
CA PRO B 131 -28.07 4.44 -20.86
C PRO B 131 -26.83 3.56 -20.82
N PHE B 132 -25.88 3.89 -19.94
CA PHE B 132 -24.62 3.16 -19.84
C PHE B 132 -24.06 3.51 -18.48
N THR B 133 -24.10 2.57 -17.54
CA THR B 133 -23.62 2.84 -16.19
C THR B 133 -22.11 2.65 -15.99
N GLY B 134 -21.39 2.35 -17.07
CA GLY B 134 -19.96 2.15 -16.96
C GLY B 134 -19.40 0.99 -17.79
N HIS B 135 -18.11 1.03 -18.06
CA HIS B 135 -17.45 0.02 -18.87
C HIS B 135 -17.63 -1.41 -18.39
N THR B 136 -17.17 -1.75 -17.20
CA THR B 136 -17.32 -3.12 -16.73
C THR B 136 -18.77 -3.48 -16.40
N GLU B 137 -19.58 -2.48 -16.06
CA GLU B 137 -20.99 -2.73 -15.76
C GLU B 137 -21.69 -3.28 -17.01
N PHE B 138 -21.28 -2.76 -18.18
CA PHE B 138 -21.85 -3.17 -19.44
C PHE B 138 -21.66 -4.65 -19.69
N PHE B 139 -20.45 -5.15 -19.44
CA PHE B 139 -20.17 -6.57 -19.64
C PHE B 139 -20.82 -7.41 -18.55
N GLU B 140 -20.91 -6.84 -17.35
CA GLU B 140 -21.50 -7.54 -16.22
C GLU B 140 -22.97 -7.79 -16.51
N GLU B 141 -23.63 -6.77 -17.03
CA GLU B 141 -25.04 -6.88 -17.32
C GLU B 141 -25.34 -7.76 -18.54
N ARG B 142 -24.58 -7.57 -19.61
CA ARG B 142 -24.83 -8.33 -20.82
C ARG B 142 -24.46 -9.81 -20.70
N SER B 143 -23.44 -10.13 -19.90
CA SER B 143 -23.05 -11.53 -19.74
C SER B 143 -23.87 -12.18 -18.63
N GLN B 144 -24.62 -11.34 -17.93
CA GLN B 144 -25.48 -11.77 -16.84
C GLN B 144 -24.73 -12.19 -15.59
N ALA B 145 -23.54 -11.62 -15.41
CA ALA B 145 -22.74 -11.93 -14.24
C ALA B 145 -23.50 -11.36 -13.06
N LYS B 146 -23.44 -12.08 -11.94
CA LYS B 146 -24.14 -11.68 -10.73
C LYS B 146 -23.30 -10.69 -9.93
N LYS B 147 -21.98 -10.86 -10.00
CA LYS B 147 -21.05 -10.00 -9.27
C LYS B 147 -19.67 -10.06 -9.90
N VAL B 148 -19.04 -8.90 -10.04
CA VAL B 148 -17.70 -8.85 -10.59
C VAL B 148 -16.79 -8.35 -9.48
N VAL B 149 -15.52 -8.74 -9.55
CA VAL B 149 -14.53 -8.32 -8.57
C VAL B 149 -13.38 -7.73 -9.34
N MET B 150 -12.95 -6.53 -8.97
CA MET B 150 -11.84 -5.88 -9.69
C MET B 150 -10.48 -6.24 -9.10
N MET B 151 -9.55 -6.60 -9.98
CA MET B 151 -8.20 -6.99 -9.58
C MET B 151 -7.13 -6.27 -10.39
N LEU B 152 -5.99 -6.03 -9.75
CA LEU B 152 -4.86 -5.39 -10.39
C LEU B 152 -3.67 -6.31 -10.17
N ALA B 153 -2.96 -6.65 -11.24
CA ALA B 153 -1.82 -7.56 -11.14
C ALA B 153 -0.63 -7.10 -11.98
N THR B 154 0.51 -7.75 -11.78
CA THR B 154 1.74 -7.41 -12.50
C THR B 154 2.71 -8.58 -12.71
N GLU B 155 2.23 -9.81 -12.57
CA GLU B 155 3.12 -10.94 -12.78
C GLU B 155 3.79 -11.39 -11.50
N GLU B 156 4.10 -10.44 -10.63
CA GLU B 156 4.72 -10.78 -9.35
C GLU B 156 3.70 -10.61 -8.22
N LEU B 157 2.59 -9.92 -8.52
CA LEU B 157 1.57 -9.69 -7.49
C LEU B 157 0.16 -9.45 -8.01
N ARG B 158 -0.82 -10.06 -7.34
CA ARG B 158 -2.22 -9.90 -7.72
C ARG B 158 -2.98 -9.36 -6.53
N VAL B 159 -3.70 -8.28 -6.72
CA VAL B 159 -4.47 -7.70 -5.64
C VAL B 159 -5.90 -7.46 -6.06
N ALA B 160 -6.82 -8.06 -5.31
CA ALA B 160 -8.25 -7.93 -5.54
C ALA B 160 -8.80 -7.02 -4.44
N LEU B 161 -9.85 -6.28 -4.75
CA LEU B 161 -10.45 -5.36 -3.80
C LEU B 161 -11.88 -5.76 -3.49
N ALA B 162 -12.23 -5.78 -2.21
CA ALA B 162 -13.57 -6.14 -1.79
C ALA B 162 -14.53 -4.99 -2.11
N THR B 163 -13.98 -3.79 -2.15
CA THR B 163 -14.75 -2.60 -2.49
C THR B 163 -13.84 -1.73 -3.35
N THR B 164 -14.44 -0.93 -4.21
CA THR B 164 -13.66 -0.12 -5.12
C THR B 164 -13.73 1.40 -4.96
N HIS B 165 -14.46 2.06 -5.85
CA HIS B 165 -14.54 3.49 -5.77
C HIS B 165 -15.67 4.04 -4.91
N LEU B 166 -15.44 4.01 -3.60
CA LEU B 166 -16.39 4.50 -2.61
C LEU B 166 -15.70 5.51 -1.73
N PRO B 167 -16.47 6.43 -1.13
CA PRO B 167 -15.84 7.42 -0.26
C PRO B 167 -15.29 6.59 0.90
N LEU B 168 -14.20 7.03 1.52
CA LEU B 168 -13.60 6.30 2.63
C LEU B 168 -14.63 6.05 3.74
N ARG B 169 -15.47 7.03 4.04
CA ARG B 169 -16.44 6.87 5.10
C ARG B 169 -17.53 5.84 4.86
N ASP B 170 -17.56 5.24 3.67
CA ASP B 170 -18.58 4.24 3.36
C ASP B 170 -18.11 2.79 3.36
N ILE B 171 -16.81 2.59 3.47
CA ILE B 171 -16.23 1.24 3.46
C ILE B 171 -16.65 0.31 4.59
N ALA B 172 -16.55 0.79 5.82
CA ALA B 172 -16.89 -0.02 6.99
C ALA B 172 -18.23 -0.74 6.87
N ASP B 173 -19.29 -0.02 6.56
CA ASP B 173 -20.61 -0.62 6.46
C ASP B 173 -20.83 -1.44 5.20
N ALA B 174 -19.88 -1.38 4.27
CA ALA B 174 -20.00 -2.14 3.04
C ALA B 174 -19.45 -3.55 3.25
N ILE B 175 -18.44 -3.68 4.11
CA ILE B 175 -17.82 -4.97 4.38
C ILE B 175 -18.78 -5.84 5.21
N THR B 176 -19.72 -6.48 4.52
CA THR B 176 -20.69 -7.36 5.16
C THR B 176 -20.29 -8.81 4.91
N PRO B 177 -20.88 -9.75 5.66
CA PRO B 177 -20.53 -11.16 5.46
C PRO B 177 -20.91 -11.62 4.05
N ALA B 178 -22.01 -11.10 3.53
CA ALA B 178 -22.47 -11.45 2.20
C ALA B 178 -21.43 -11.05 1.15
N LEU B 179 -21.02 -9.79 1.21
CA LEU B 179 -20.02 -9.25 0.28
C LEU B 179 -18.73 -10.06 0.26
N LEU B 180 -18.22 -10.39 1.45
CA LEU B 180 -16.98 -11.13 1.57
C LEU B 180 -17.05 -12.54 1.03
N HIS B 181 -18.14 -13.22 1.30
CA HIS B 181 -18.32 -14.59 0.83
C HIS B 181 -18.39 -14.58 -0.68
N GLU B 182 -19.13 -13.61 -1.20
CA GLU B 182 -19.29 -13.46 -2.62
C GLU B 182 -17.98 -13.06 -3.28
N VAL B 183 -17.25 -12.13 -2.65
CA VAL B 183 -15.99 -11.69 -3.23
C VAL B 183 -14.93 -12.77 -3.22
N ILE B 184 -14.84 -13.51 -2.13
CA ILE B 184 -13.82 -14.55 -2.03
C ILE B 184 -14.14 -15.78 -2.87
N ALA B 185 -15.42 -16.13 -2.96
CA ALA B 185 -15.80 -17.29 -3.75
C ALA B 185 -15.33 -17.03 -5.18
N ILE B 186 -15.69 -15.86 -5.70
CA ILE B 186 -15.31 -15.45 -7.05
C ILE B 186 -13.80 -15.42 -7.23
N LEU B 187 -13.10 -14.89 -6.24
CA LEU B 187 -11.65 -14.80 -6.30
C LEU B 187 -11.00 -16.17 -6.26
N HIS B 188 -11.58 -17.08 -5.48
CA HIS B 188 -11.06 -18.44 -5.38
C HIS B 188 -11.39 -19.19 -6.67
N HIS B 189 -12.61 -18.98 -7.14
CA HIS B 189 -13.09 -19.61 -8.36
C HIS B 189 -12.22 -19.25 -9.55
N ASP B 190 -12.18 -17.96 -9.88
CA ASP B 190 -11.39 -17.49 -11.02
C ASP B 190 -9.89 -17.72 -10.94
N LEU B 191 -9.33 -17.80 -9.74
CA LEU B 191 -7.89 -18.06 -9.63
C LEU B 191 -7.62 -19.45 -10.18
N ARG B 192 -8.67 -20.27 -10.16
CA ARG B 192 -8.59 -21.63 -10.65
C ARG B 192 -8.85 -21.69 -12.14
N THR B 193 -10.04 -21.23 -12.53
CA THR B 193 -10.46 -21.27 -13.93
C THR B 193 -9.85 -20.26 -14.90
N LYS B 194 -9.46 -19.08 -14.42
CA LYS B 194 -8.88 -18.08 -15.31
C LYS B 194 -7.37 -17.97 -15.22
N PHE B 195 -6.80 -18.42 -14.10
CA PHE B 195 -5.35 -18.35 -13.95
C PHE B 195 -4.74 -19.74 -13.94
N GLY B 196 -5.60 -20.76 -13.90
CA GLY B 196 -5.15 -22.14 -13.90
C GLY B 196 -4.43 -22.55 -12.63
N ILE B 197 -4.78 -21.92 -11.52
CA ILE B 197 -4.14 -22.25 -10.25
C ILE B 197 -4.97 -23.17 -9.39
N ALA B 198 -4.68 -24.46 -9.45
CA ALA B 198 -5.41 -25.44 -8.63
C ALA B 198 -4.96 -25.22 -7.19
N GLU B 199 -5.91 -25.27 -6.25
CA GLU B 199 -5.58 -25.05 -4.83
C GLU B 199 -4.92 -23.68 -4.64
N PRO B 200 -5.67 -22.60 -4.93
CA PRO B 200 -5.19 -21.21 -4.82
C PRO B 200 -4.94 -20.72 -3.39
N ARG B 201 -3.85 -19.99 -3.19
CA ARG B 201 -3.49 -19.44 -1.89
C ARG B 201 -3.80 -17.94 -1.84
N ILE B 202 -4.71 -17.56 -0.95
CA ILE B 202 -5.14 -16.16 -0.82
C ILE B 202 -4.81 -15.47 0.51
N LEU B 203 -4.26 -14.26 0.42
CA LEU B 203 -3.94 -13.46 1.62
C LEU B 203 -5.05 -12.44 1.77
N VAL B 204 -5.58 -12.32 2.98
CA VAL B 204 -6.66 -11.39 3.24
C VAL B 204 -6.31 -10.30 4.23
N CYS B 205 -6.53 -9.05 3.82
CA CYS B 205 -6.28 -7.89 4.67
C CYS B 205 -7.43 -7.71 5.65
N GLY B 206 -7.10 -7.24 6.84
CA GLY B 206 -8.15 -6.97 7.79
C GLY B 206 -8.65 -5.60 7.38
N LEU B 207 -9.80 -5.20 7.92
CA LEU B 207 -10.35 -3.91 7.58
C LEU B 207 -9.65 -2.80 8.36
N ASN B 208 -9.36 -3.06 9.63
CA ASN B 208 -8.75 -2.07 10.49
C ASN B 208 -7.24 -2.18 10.61
N PRO B 209 -6.57 -1.13 11.11
CA PRO B 209 -5.11 -1.22 11.25
C PRO B 209 -4.78 -2.29 12.26
N HIS B 210 -3.71 -3.03 12.01
CA HIS B 210 -3.29 -4.14 12.88
C HIS B 210 -4.42 -5.16 12.94
N ALA B 211 -5.19 -5.21 11.86
CA ALA B 211 -6.32 -6.12 11.73
C ALA B 211 -7.25 -5.98 12.93
N GLY B 212 -7.39 -4.75 13.40
CA GLY B 212 -8.25 -4.50 14.55
C GLY B 212 -7.60 -4.89 15.87
N GLU B 213 -6.40 -5.48 15.80
CA GLU B 213 -5.66 -5.91 16.99
C GLU B 213 -6.59 -6.40 18.09
N GLY B 214 -6.92 -7.69 18.03
CA GLY B 214 -7.85 -8.21 19.00
C GLY B 214 -9.07 -7.44 18.53
N GLY B 215 -9.56 -6.54 19.38
CA GLY B 215 -10.70 -5.72 19.01
C GLY B 215 -10.48 -4.31 19.55
N HIS B 216 -9.23 -4.00 19.85
CA HIS B 216 -8.86 -2.70 20.40
C HIS B 216 -8.82 -1.61 19.33
N MET B 217 -8.94 -2.01 18.06
CA MET B 217 -8.92 -1.05 16.96
C MET B 217 -10.02 -1.35 15.95
N GLY B 218 -11.18 -1.77 16.45
CA GLY B 218 -12.28 -2.09 15.57
C GLY B 218 -12.75 -3.52 15.81
N THR B 219 -14.00 -3.79 15.47
CA THR B 219 -14.59 -5.10 15.70
C THR B 219 -14.93 -5.88 14.44
N GLU B 220 -14.80 -5.23 13.30
CA GLU B 220 -15.15 -5.89 12.03
C GLU B 220 -14.45 -7.22 11.82
N GLU B 221 -13.18 -7.32 12.17
CA GLU B 221 -12.46 -8.58 12.00
C GLU B 221 -13.13 -9.70 12.81
N ILE B 222 -13.47 -9.40 14.06
CA ILE B 222 -14.09 -10.37 14.95
C ILE B 222 -15.55 -10.67 14.66
N ASP B 223 -16.29 -9.64 14.25
CA ASP B 223 -17.70 -9.79 13.96
C ASP B 223 -18.02 -10.28 12.55
N THR B 224 -17.12 -10.03 11.60
CA THR B 224 -17.38 -10.41 10.21
C THR B 224 -16.30 -11.15 9.41
N ILE B 225 -15.13 -10.54 9.27
CA ILE B 225 -14.07 -11.17 8.49
C ILE B 225 -13.58 -12.52 8.96
N ILE B 226 -13.29 -12.65 10.25
CA ILE B 226 -12.81 -13.92 10.78
C ILE B 226 -13.83 -15.05 10.66
N PRO B 227 -15.12 -14.77 10.96
CA PRO B 227 -16.12 -15.85 10.84
C PRO B 227 -16.24 -16.33 9.40
N VAL B 228 -16.25 -15.38 8.48
CA VAL B 228 -16.35 -15.70 7.06
C VAL B 228 -15.16 -16.55 6.62
N LEU B 229 -13.93 -16.08 6.90
CA LEU B 229 -12.75 -16.83 6.49
C LEU B 229 -12.76 -18.24 7.07
N ASN B 230 -13.18 -18.36 8.33
CA ASN B 230 -13.22 -19.67 8.96
C ASN B 230 -14.12 -20.63 8.19
N GLU B 231 -15.32 -20.17 7.82
CA GLU B 231 -16.24 -21.01 7.06
C GLU B 231 -15.57 -21.49 5.77
N LEU B 232 -15.07 -20.54 4.99
CA LEU B 232 -14.41 -20.86 3.73
C LEU B 232 -13.21 -21.77 3.90
N ARG B 233 -12.49 -21.63 5.00
CA ARG B 233 -11.33 -22.49 5.21
C ARG B 233 -11.87 -23.90 5.37
N ALA B 234 -13.07 -23.99 5.94
CA ALA B 234 -13.72 -25.28 6.16
C ALA B 234 -13.99 -25.99 4.84
N GLN B 235 -13.90 -25.26 3.73
CA GLN B 235 -14.13 -25.83 2.41
C GLN B 235 -12.81 -26.09 1.70
N GLY B 236 -11.72 -26.08 2.45
CA GLY B 236 -10.42 -26.33 1.85
C GLY B 236 -9.76 -25.10 1.24
N MET B 237 -10.50 -23.99 1.15
CA MET B 237 -9.97 -22.76 0.60
C MET B 237 -8.78 -22.27 1.44
N LYS B 238 -7.61 -22.18 0.83
CA LYS B 238 -6.43 -21.72 1.55
C LYS B 238 -6.47 -20.21 1.75
N LEU B 239 -6.87 -19.78 2.95
CA LEU B 239 -6.97 -18.37 3.27
C LEU B 239 -6.08 -17.97 4.46
N ASN B 240 -5.07 -17.15 4.20
CA ASN B 240 -4.20 -16.71 5.28
C ASN B 240 -4.94 -15.59 5.98
N GLY B 241 -5.47 -15.93 7.16
CA GLY B 241 -6.25 -15.05 8.02
C GLY B 241 -6.05 -13.57 7.87
N PRO B 242 -6.97 -12.76 8.42
CA PRO B 242 -6.85 -11.31 8.33
C PRO B 242 -5.53 -10.84 8.94
N LEU B 243 -4.64 -10.31 8.11
CA LEU B 243 -3.35 -9.82 8.55
C LEU B 243 -3.30 -8.32 8.39
N PRO B 244 -2.58 -7.63 9.29
CA PRO B 244 -2.49 -6.18 9.21
C PRO B 244 -1.94 -5.86 7.83
N ALA B 245 -2.60 -4.95 7.12
CA ALA B 245 -2.17 -4.61 5.77
C ALA B 245 -0.70 -4.22 5.65
N ASP B 246 -0.16 -3.55 6.67
CA ASP B 246 1.22 -3.11 6.60
C ASP B 246 2.30 -4.17 6.83
N THR B 247 1.90 -5.39 7.17
CA THR B 247 2.89 -6.45 7.37
C THR B 247 2.63 -7.57 6.37
N LEU B 248 1.41 -7.61 5.84
CA LEU B 248 1.00 -8.61 4.87
C LEU B 248 1.84 -8.61 3.61
N PHE B 249 2.15 -7.41 3.11
CA PHE B 249 2.94 -7.29 1.88
C PHE B 249 4.44 -7.51 2.12
N GLN B 250 4.82 -8.77 2.27
CA GLN B 250 6.20 -9.16 2.52
C GLN B 250 6.41 -10.60 2.06
N PRO B 251 7.61 -10.93 1.55
CA PRO B 251 7.96 -12.26 1.06
C PRO B 251 7.44 -13.47 1.85
N LYS B 252 7.64 -13.52 3.16
CA LYS B 252 7.18 -14.69 3.90
C LYS B 252 5.69 -14.92 3.65
N TYR B 253 5.01 -13.89 3.15
CA TYR B 253 3.59 -14.01 2.83
C TYR B 253 3.36 -14.08 1.33
N LEU B 254 3.66 -13.00 0.64
CA LEU B 254 3.47 -12.91 -0.80
C LEU B 254 4.05 -14.10 -1.54
N ASP B 255 5.29 -14.46 -1.21
CA ASP B 255 5.95 -15.58 -1.86
C ASP B 255 5.23 -16.89 -1.62
N ASN B 256 4.25 -16.88 -0.73
CA ASN B 256 3.47 -18.08 -0.44
C ASN B 256 2.02 -17.89 -0.86
N ALA B 257 1.74 -16.81 -1.60
CA ALA B 257 0.37 -16.55 -2.03
C ALA B 257 0.19 -16.26 -3.52
N ASP B 258 -0.99 -16.60 -4.02
CA ASP B 258 -1.31 -16.40 -5.43
C ASP B 258 -2.08 -15.10 -5.62
N ALA B 259 -2.69 -14.62 -4.55
CA ALA B 259 -3.45 -13.38 -4.64
C ALA B 259 -3.66 -12.78 -3.26
N VAL B 260 -3.83 -11.45 -3.24
CA VAL B 260 -4.07 -10.72 -2.01
C VAL B 260 -5.44 -10.04 -2.10
N LEU B 261 -6.27 -10.23 -1.10
CA LEU B 261 -7.57 -9.59 -1.09
C LEU B 261 -7.54 -8.41 -0.13
N ALA B 262 -7.57 -7.19 -0.68
CA ALA B 262 -7.58 -5.97 0.13
C ALA B 262 -9.03 -5.59 0.36
N MET B 263 -9.32 -4.97 1.50
CA MET B 263 -10.69 -4.57 1.83
C MET B 263 -11.18 -3.33 1.08
N TYR B 264 -10.27 -2.41 0.80
CA TYR B 264 -10.63 -1.19 0.10
C TYR B 264 -9.51 -0.66 -0.77
N HIS B 265 -9.91 0.13 -1.77
CA HIS B 265 -9.03 0.74 -2.77
C HIS B 265 -7.61 1.13 -2.35
N ASP B 266 -7.48 2.16 -1.52
CA ASP B 266 -6.18 2.63 -1.07
C ASP B 266 -5.38 1.69 -0.16
N GLN B 267 -5.93 0.52 0.15
CA GLN B 267 -5.23 -0.42 1.00
C GLN B 267 -4.40 -1.39 0.18
N GLY B 268 -4.74 -1.55 -1.09
CA GLY B 268 -3.98 -2.47 -1.90
C GLY B 268 -3.31 -1.85 -3.10
N LEU B 269 -3.99 -0.94 -3.78
CA LEU B 269 -3.43 -0.32 -4.97
C LEU B 269 -2.10 0.41 -4.82
N PRO B 270 -1.88 1.12 -3.70
CA PRO B 270 -0.59 1.80 -3.57
C PRO B 270 0.59 0.85 -3.65
N VAL B 271 0.53 -0.24 -2.89
CA VAL B 271 1.62 -1.21 -2.91
C VAL B 271 1.79 -1.78 -4.30
N LEU B 272 0.69 -2.23 -4.88
CA LEU B 272 0.72 -2.81 -6.22
C LEU B 272 1.34 -1.83 -7.22
N LYS B 273 0.93 -0.57 -7.15
CA LYS B 273 1.44 0.44 -8.08
C LYS B 273 2.88 0.90 -7.81
N TYR B 274 3.39 0.64 -6.62
CA TYR B 274 4.75 1.03 -6.29
C TYR B 274 5.67 -0.13 -6.67
N GLN B 275 5.11 -1.33 -6.61
CA GLN B 275 5.84 -2.55 -6.93
C GLN B 275 6.01 -2.73 -8.44
N GLY B 276 5.24 -1.97 -9.23
CA GLY B 276 5.32 -2.03 -10.68
C GLY B 276 4.96 -0.67 -11.29
N PHE B 277 3.66 -0.35 -11.25
CA PHE B 277 3.18 0.90 -11.80
C PHE B 277 2.51 0.65 -13.15
N GLY B 278 3.14 1.14 -14.21
CA GLY B 278 2.60 0.95 -15.55
C GLY B 278 2.43 -0.54 -15.79
N ARG B 279 3.23 -1.33 -15.10
CA ARG B 279 3.14 -2.78 -15.25
C ARG B 279 1.80 -3.28 -14.75
N GLY B 280 1.01 -2.38 -14.16
CA GLY B 280 -0.31 -2.73 -13.64
C GLY B 280 -1.39 -3.01 -14.67
N VAL B 281 -2.07 -4.15 -14.49
CA VAL B 281 -3.13 -4.58 -15.40
C VAL B 281 -4.41 -4.83 -14.62
N ASN B 282 -5.52 -4.28 -15.10
CA ASN B 282 -6.82 -4.46 -14.45
C ASN B 282 -7.51 -5.70 -15.01
N ILE B 283 -7.84 -6.66 -14.14
CA ILE B 283 -8.52 -7.87 -14.56
C ILE B 283 -9.91 -7.88 -13.91
N THR B 284 -10.93 -8.18 -14.70
CA THR B 284 -12.28 -8.23 -14.15
C THR B 284 -12.67 -9.67 -13.85
N LEU B 285 -12.83 -10.00 -12.58
CA LEU B 285 -13.20 -11.35 -12.18
C LEU B 285 -14.72 -11.41 -12.06
N GLY B 286 -15.27 -12.60 -12.28
CA GLY B 286 -16.71 -12.76 -12.15
C GLY B 286 -17.47 -12.90 -13.46
N LEU B 287 -16.86 -12.51 -14.57
CA LEU B 287 -17.53 -12.65 -15.86
C LEU B 287 -17.28 -14.07 -16.33
N PRO B 288 -18.06 -14.53 -17.34
CA PRO B 288 -17.91 -15.88 -17.89
C PRO B 288 -16.69 -16.03 -18.78
N PHE B 289 -15.95 -14.94 -18.97
CA PHE B 289 -14.79 -14.98 -19.84
C PHE B 289 -13.68 -14.06 -19.36
N ILE B 290 -12.47 -14.28 -19.87
CA ILE B 290 -11.33 -13.47 -19.49
C ILE B 290 -11.43 -12.07 -20.05
N ARG B 291 -11.29 -11.08 -19.18
CA ARG B 291 -11.34 -9.69 -19.60
C ARG B 291 -10.30 -8.84 -18.89
N THR B 292 -9.33 -8.33 -19.65
CA THR B 292 -8.30 -7.47 -19.11
C THR B 292 -8.59 -6.10 -19.69
N SER B 293 -8.12 -5.07 -19.01
CA SER B 293 -8.36 -3.72 -19.47
C SER B 293 -7.18 -2.84 -19.16
N VAL B 294 -6.91 -1.89 -20.05
CA VAL B 294 -5.82 -0.95 -19.88
C VAL B 294 -6.04 -0.28 -18.54
N ASP B 295 -5.05 0.46 -18.07
CA ASP B 295 -5.19 1.10 -16.78
C ASP B 295 -5.48 2.60 -16.81
N HIS B 296 -5.40 3.20 -18.00
CA HIS B 296 -5.63 4.63 -18.16
C HIS B 296 -7.01 5.00 -18.71
N GLY B 297 -7.17 6.29 -19.00
CA GLY B 297 -8.41 6.81 -19.54
C GLY B 297 -8.27 7.12 -21.02
N THR B 298 -9.31 7.71 -21.60
CA THR B 298 -9.31 8.04 -23.03
C THR B 298 -8.27 9.07 -23.43
N ALA B 299 -7.81 9.86 -22.46
CA ALA B 299 -6.79 10.89 -22.68
C ALA B 299 -6.89 11.57 -24.05
N LEU B 300 -8.06 12.10 -24.36
CA LEU B 300 -8.29 12.76 -25.63
C LEU B 300 -7.23 13.80 -25.97
N GLU B 301 -6.58 14.34 -24.93
CA GLU B 301 -5.53 15.34 -25.11
C GLU B 301 -4.25 14.79 -25.73
N LEU B 302 -4.19 13.45 -25.86
CA LEU B 302 -3.01 12.80 -26.42
C LEU B 302 -3.25 12.13 -27.77
N ALA B 303 -4.52 11.84 -28.08
CA ALA B 303 -4.88 11.17 -29.33
C ALA B 303 -4.33 11.87 -30.57
N GLY B 304 -3.73 11.07 -31.46
CA GLY B 304 -3.17 11.61 -32.69
C GLY B 304 -1.85 12.36 -32.55
N ARG B 305 -1.26 12.32 -31.34
CA ARG B 305 -0.01 13.01 -31.10
C ARG B 305 1.22 12.20 -31.48
N GLY B 306 1.34 11.00 -30.91
CA GLY B 306 2.49 10.16 -31.21
C GLY B 306 3.21 9.76 -29.94
N LYS B 307 2.80 10.35 -28.82
CA LYS B 307 3.39 10.05 -27.53
C LYS B 307 2.44 9.14 -26.76
N ALA B 308 1.72 8.30 -27.49
CA ALA B 308 0.78 7.38 -26.88
C ALA B 308 1.33 6.66 -25.67
N ASP B 309 1.94 5.49 -25.90
CA ASP B 309 2.55 4.63 -24.89
C ASP B 309 1.71 3.37 -24.73
N VAL B 310 1.84 2.49 -25.70
CA VAL B 310 1.09 1.25 -25.73
C VAL B 310 1.55 0.26 -24.66
N GLY B 311 2.47 0.69 -23.80
CA GLY B 311 2.98 -0.17 -22.76
C GLY B 311 1.95 -0.92 -21.92
N SER B 312 1.05 -0.18 -21.29
CA SER B 312 -0.01 -0.77 -20.46
C SER B 312 -0.92 -1.69 -21.25
N PHE B 313 -1.24 -1.30 -22.48
CA PHE B 313 -2.09 -2.11 -23.32
C PHE B 313 -1.36 -3.42 -23.57
N ILE B 314 -0.05 -3.35 -23.78
CA ILE B 314 0.75 -4.53 -24.03
C ILE B 314 0.77 -5.47 -22.85
N THR B 315 0.96 -4.95 -21.65
CA THR B 315 0.98 -5.80 -20.47
C THR B 315 -0.42 -6.36 -20.26
N ALA B 316 -1.42 -5.64 -20.76
CA ALA B 316 -2.81 -6.09 -20.63
C ALA B 316 -3.07 -7.27 -21.54
N LEU B 317 -2.57 -7.17 -22.77
CA LEU B 317 -2.74 -8.23 -23.75
C LEU B 317 -1.89 -9.44 -23.37
N ASN B 318 -0.63 -9.20 -23.04
CA ASN B 318 0.28 -10.26 -22.63
C ASN B 318 -0.31 -11.06 -21.48
N LEU B 319 -0.96 -10.37 -20.56
CA LEU B 319 -1.53 -11.04 -19.42
C LEU B 319 -2.69 -11.97 -19.82
N ALA B 320 -3.59 -11.47 -20.66
CA ALA B 320 -4.72 -12.28 -21.11
C ALA B 320 -4.23 -13.51 -21.86
N ILE B 321 -3.18 -13.34 -22.66
CA ILE B 321 -2.62 -14.45 -23.42
C ILE B 321 -2.13 -15.54 -22.47
N LYS B 322 -1.39 -15.13 -21.44
CA LYS B 322 -0.87 -16.08 -20.46
C LYS B 322 -2.03 -16.81 -19.81
N MET B 323 -3.06 -16.06 -19.45
CA MET B 323 -4.22 -16.66 -18.80
C MET B 323 -4.84 -17.72 -19.69
N ILE B 324 -4.85 -17.47 -20.99
CA ILE B 324 -5.40 -18.42 -21.95
C ILE B 324 -4.52 -19.66 -21.96
N VAL B 325 -3.20 -19.46 -22.05
CA VAL B 325 -2.25 -20.57 -22.08
C VAL B 325 -2.36 -21.47 -20.87
N ASN B 326 -2.51 -20.89 -19.68
CA ASN B 326 -2.59 -21.68 -18.46
C ASN B 326 -3.97 -22.25 -18.17
N THR B 327 -4.93 -22.01 -19.06
CA THR B 327 -6.27 -22.55 -18.84
C THR B 327 -6.71 -23.48 -19.94
N GLN B 328 -5.81 -23.79 -20.86
CA GLN B 328 -6.13 -24.69 -21.96
C GLN B 328 -5.49 -26.04 -21.72
ZN ZN C . 0.43 0.96 13.98
N 4TP D . 2.18 1.08 13.03
CA 4TP D . 3.42 1.39 13.76
CB 4TP D . 3.31 0.89 15.22
OG1 4TP D . 1.95 0.63 15.57
CG2 4TP D . 3.92 1.94 16.21
C 4TP D . 4.65 0.73 13.13
O 4TP D . 5.63 0.39 13.83
OXT 4TP D . 4.65 0.54 11.91
OP4 4TP D . 3.84 1.48 17.67
P 4TP D . 4.40 2.36 18.84
OP1 4TP D . 4.50 1.43 20.02
OP2 4TP D . 5.85 2.86 18.53
OP3 4TP D . 3.45 3.50 19.23
ZN ZN E . -9.05 3.71 -8.67
#